data_1HJ0
# 
_entry.id   1HJ0 
# 
_audit_conform.dict_name       mmcif_pdbx.dic 
_audit_conform.dict_version    5.390 
_audit_conform.dict_location   http://mmcif.pdb.org/dictionaries/ascii/mmcif_pdbx.dic 
# 
loop_
_database_2.database_id 
_database_2.database_code 
_database_2.pdbx_database_accession 
_database_2.pdbx_DOI 
PDB   1HJ0         pdb_00001hj0 10.2210/pdb1hj0/pdb 
PDBE  EBI-5765     ?            ?                   
WWPDB D_1290005765 ?            ?                   
BMRB  5257         ?            ?                   
# 
loop_
_pdbx_audit_revision_history.ordinal 
_pdbx_audit_revision_history.data_content_type 
_pdbx_audit_revision_history.major_revision 
_pdbx_audit_revision_history.minor_revision 
_pdbx_audit_revision_history.revision_date 
1 'Structure model' 1 0 2002-01-04 
2 'Structure model' 1 1 2011-05-08 
3 'Structure model' 1 2 2011-07-13 
4 'Structure model' 1 3 2020-01-15 
5 'Structure model' 1 4 2024-04-24 
# 
_pdbx_audit_revision_details.ordinal             1 
_pdbx_audit_revision_details.revision_ordinal    1 
_pdbx_audit_revision_details.data_content_type   'Structure model' 
_pdbx_audit_revision_details.provider            repository 
_pdbx_audit_revision_details.type                'Initial release' 
_pdbx_audit_revision_details.description         ? 
_pdbx_audit_revision_details.details             ? 
# 
loop_
_pdbx_audit_revision_group.ordinal 
_pdbx_audit_revision_group.revision_ordinal 
_pdbx_audit_revision_group.data_content_type 
_pdbx_audit_revision_group.group 
1 2 'Structure model' 'Version format compliance' 
2 3 'Structure model' 'Version format compliance' 
3 4 'Structure model' 'Data collection'           
4 4 'Structure model' Other                       
5 5 'Structure model' 'Data collection'           
6 5 'Structure model' 'Database references'       
# 
loop_
_pdbx_audit_revision_category.ordinal 
_pdbx_audit_revision_category.revision_ordinal 
_pdbx_audit_revision_category.data_content_type 
_pdbx_audit_revision_category.category 
1 4 'Structure model' pdbx_database_status 
2 4 'Structure model' pdbx_nmr_software    
3 5 'Structure model' chem_comp_atom       
4 5 'Structure model' chem_comp_bond       
5 5 'Structure model' database_2           
# 
loop_
_pdbx_audit_revision_item.ordinal 
_pdbx_audit_revision_item.revision_ordinal 
_pdbx_audit_revision_item.data_content_type 
_pdbx_audit_revision_item.item 
1 4 'Structure model' '_pdbx_database_status.status_code_cs' 
2 4 'Structure model' '_pdbx_database_status.status_code_mr' 
3 4 'Structure model' '_pdbx_nmr_software.name'              
4 5 'Structure model' '_database_2.pdbx_DOI'                 
5 5 'Structure model' '_database_2.pdbx_database_accession'  
# 
_pdbx_database_status.status_code                     REL 
_pdbx_database_status.entry_id                        1HJ0 
_pdbx_database_status.deposit_site                    PDBE 
_pdbx_database_status.process_site                    PDBE 
_pdbx_database_status.SG_entry                        . 
_pdbx_database_status.recvd_initial_deposition_date   2001-01-05 
_pdbx_database_status.pdb_format_compatible           Y 
_pdbx_database_status.methods_development_category    ? 
_pdbx_database_status.status_code_sf                  ? 
_pdbx_database_status.status_code_mr                  REL 
_pdbx_database_status.status_code_cs                  REL 
_pdbx_database_status.status_code_nmr_data            ? 
# 
_pdbx_database_related.db_id          5257 
_pdbx_database_related.details        . 
_pdbx_database_related.db_name        BMRB 
_pdbx_database_related.content_type   unspecified 
# 
loop_
_audit_author.name 
_audit_author.pdbx_ordinal 
'Stoll, R.'   1 
'Voelter, W.' 2 
'Holak, T.A.' 3 
# 
_citation.id                        primary 
_citation.title                     'Conformation of Thymosin Beta9 in Water/Fluoroalcohol Solution Determined by NMR Spectroscopy' 
_citation.journal_abbrev            Biopolymers 
_citation.journal_volume            41 
_citation.page_first                623 
_citation.page_last                 ? 
_citation.year                      1997 
_citation.journal_id_ASTM           BIPMAA 
_citation.country                   US 
_citation.journal_id_ISSN           0006-3525 
_citation.journal_id_CSD            0161 
_citation.book_publisher            ? 
_citation.pdbx_database_id_PubMed   9108730 
_citation.pdbx_database_id_DOI      '10.1002/(SICI)1097-0282(199705)41:6<623::AID-BIP3>3.0.CO;2-S' 
# 
loop_
_citation_author.citation_id 
_citation_author.name 
_citation_author.ordinal 
_citation_author.identifier_ORCID 
primary 'Stoll, R.'   1 ? 
primary 'Voelter, W.' 2 ? 
primary 'Holak, T.A.' 3 ? 
# 
_entity.id                         1 
_entity.type                       polymer 
_entity.src_method                 nat 
_entity.pdbx_description           'THYMOSIN BETA9' 
_entity.formula_weight             4683.245 
_entity.pdbx_number_of_molecules   1 
_entity.pdbx_ec                    ? 
_entity.pdbx_mutation              ? 
_entity.pdbx_fragment              ? 
_entity.details                    ? 
# 
_entity_poly.entity_id                      1 
_entity_poly.type                           'polypeptide(L)' 
_entity_poly.nstd_linkage                   no 
_entity_poly.nstd_monomer                   no 
_entity_poly.pdbx_seq_one_letter_code       ADKPDLGEINSFDKAKLKKTETQEKNTLPTKETIEQEKQAK 
_entity_poly.pdbx_seq_one_letter_code_can   ADKPDLGEINSFDKAKLKKTETQEKNTLPTKETIEQEKQAK 
_entity_poly.pdbx_strand_id                 A 
_entity_poly.pdbx_target_identifier         ? 
# 
loop_
_entity_poly_seq.entity_id 
_entity_poly_seq.num 
_entity_poly_seq.mon_id 
_entity_poly_seq.hetero 
1 1  ALA n 
1 2  ASP n 
1 3  LYS n 
1 4  PRO n 
1 5  ASP n 
1 6  LEU n 
1 7  GLY n 
1 8  GLU n 
1 9  ILE n 
1 10 ASN n 
1 11 SER n 
1 12 PHE n 
1 13 ASP n 
1 14 LYS n 
1 15 ALA n 
1 16 LYS n 
1 17 LEU n 
1 18 LYS n 
1 19 LYS n 
1 20 THR n 
1 21 GLU n 
1 22 THR n 
1 23 GLN n 
1 24 GLU n 
1 25 LYS n 
1 26 ASN n 
1 27 THR n 
1 28 LEU n 
1 29 PRO n 
1 30 THR n 
1 31 LYS n 
1 32 GLU n 
1 33 THR n 
1 34 ILE n 
1 35 GLU n 
1 36 GLN n 
1 37 GLU n 
1 38 LYS n 
1 39 GLN n 
1 40 ALA n 
1 41 LYS n 
# 
_entity_src_nat.entity_id                  1 
_entity_src_nat.pdbx_src_id                1 
_entity_src_nat.pdbx_alt_source_flag       sample 
_entity_src_nat.pdbx_beg_seq_num           ? 
_entity_src_nat.pdbx_end_seq_num           ? 
_entity_src_nat.common_name                COW 
_entity_src_nat.pdbx_organism_scientific   'BOS TAURUS' 
_entity_src_nat.pdbx_ncbi_taxonomy_id      9913 
_entity_src_nat.genus                      ? 
_entity_src_nat.species                    ? 
_entity_src_nat.strain                     ? 
_entity_src_nat.tissue                     ? 
_entity_src_nat.tissue_fraction            ? 
_entity_src_nat.pdbx_secretion             ? 
_entity_src_nat.pdbx_fragment              ? 
_entity_src_nat.pdbx_variant               ? 
_entity_src_nat.pdbx_cell_line             ? 
_entity_src_nat.pdbx_atcc                  ? 
_entity_src_nat.pdbx_cellular_location     ? 
_entity_src_nat.pdbx_organ                 THYMUS 
_entity_src_nat.pdbx_organelle             ? 
_entity_src_nat.pdbx_cell                  ? 
_entity_src_nat.pdbx_plasmid_name          ? 
_entity_src_nat.pdbx_plasmid_details       ? 
_entity_src_nat.details                    'CALF THYMUS' 
# 
loop_
_chem_comp.id 
_chem_comp.type 
_chem_comp.mon_nstd_flag 
_chem_comp.name 
_chem_comp.pdbx_synonyms 
_chem_comp.formula 
_chem_comp.formula_weight 
ALA 'L-peptide linking' y ALANINE         ? 'C3 H7 N O2'     89.093  
ASN 'L-peptide linking' y ASPARAGINE      ? 'C4 H8 N2 O3'    132.118 
ASP 'L-peptide linking' y 'ASPARTIC ACID' ? 'C4 H7 N O4'     133.103 
GLN 'L-peptide linking' y GLUTAMINE       ? 'C5 H10 N2 O3'   146.144 
GLU 'L-peptide linking' y 'GLUTAMIC ACID' ? 'C5 H9 N O4'     147.129 
GLY 'peptide linking'   y GLYCINE         ? 'C2 H5 N O2'     75.067  
ILE 'L-peptide linking' y ISOLEUCINE      ? 'C6 H13 N O2'    131.173 
LEU 'L-peptide linking' y LEUCINE         ? 'C6 H13 N O2'    131.173 
LYS 'L-peptide linking' y LYSINE          ? 'C6 H15 N2 O2 1' 147.195 
PHE 'L-peptide linking' y PHENYLALANINE   ? 'C9 H11 N O2'    165.189 
PRO 'L-peptide linking' y PROLINE         ? 'C5 H9 N O2'     115.130 
SER 'L-peptide linking' y SERINE          ? 'C3 H7 N O3'     105.093 
THR 'L-peptide linking' y THREONINE       ? 'C4 H9 N O3'     119.119 
# 
loop_
_pdbx_poly_seq_scheme.asym_id 
_pdbx_poly_seq_scheme.entity_id 
_pdbx_poly_seq_scheme.seq_id 
_pdbx_poly_seq_scheme.mon_id 
_pdbx_poly_seq_scheme.ndb_seq_num 
_pdbx_poly_seq_scheme.pdb_seq_num 
_pdbx_poly_seq_scheme.auth_seq_num 
_pdbx_poly_seq_scheme.pdb_mon_id 
_pdbx_poly_seq_scheme.auth_mon_id 
_pdbx_poly_seq_scheme.pdb_strand_id 
_pdbx_poly_seq_scheme.pdb_ins_code 
_pdbx_poly_seq_scheme.hetero 
A 1 1  ALA 1  1  1  ALA ALA A . n 
A 1 2  ASP 2  2  2  ASP ASP A . n 
A 1 3  LYS 3  3  3  LYS LYS A . n 
A 1 4  PRO 4  4  4  PRO PRO A . n 
A 1 5  ASP 5  5  5  ASP ASP A . n 
A 1 6  LEU 6  6  6  LEU LEU A . n 
A 1 7  GLY 7  7  7  GLY GLY A . n 
A 1 8  GLU 8  8  8  GLU GLU A . n 
A 1 9  ILE 9  9  9  ILE ILE A . n 
A 1 10 ASN 10 10 10 ASN ASN A . n 
A 1 11 SER 11 11 11 SER SER A . n 
A 1 12 PHE 12 12 12 PHE PHE A . n 
A 1 13 ASP 13 13 13 ASP ASP A . n 
A 1 14 LYS 14 14 14 LYS LYS A . n 
A 1 15 ALA 15 15 15 ALA ALA A . n 
A 1 16 LYS 16 16 16 LYS LYS A . n 
A 1 17 LEU 17 17 17 LEU LEU A . n 
A 1 18 LYS 18 18 18 LYS LYS A . n 
A 1 19 LYS 19 19 19 LYS LYS A . n 
A 1 20 THR 20 20 20 THR THR A . n 
A 1 21 GLU 21 21 21 GLU GLU A . n 
A 1 22 THR 22 22 22 THR THR A . n 
A 1 23 GLN 23 23 23 GLN GLN A . n 
A 1 24 GLU 24 24 24 GLU GLU A . n 
A 1 25 LYS 25 25 25 LYS LYS A . n 
A 1 26 ASN 26 26 26 ASN ASN A . n 
A 1 27 THR 27 27 27 THR THR A . n 
A 1 28 LEU 28 28 28 LEU LEU A . n 
A 1 29 PRO 29 29 29 PRO PRO A . n 
A 1 30 THR 30 30 30 THR THR A . n 
A 1 31 LYS 31 31 31 LYS LYS A . n 
A 1 32 GLU 32 32 32 GLU GLU A . n 
A 1 33 THR 33 33 33 THR THR A . n 
A 1 34 ILE 34 34 34 ILE ILE A . n 
A 1 35 GLU 35 35 35 GLU GLU A . n 
A 1 36 GLN 36 36 36 GLN GLN A . n 
A 1 37 GLU 37 37 37 GLU GLU A . n 
A 1 38 LYS 38 38 38 LYS LYS A . n 
A 1 39 GLN 39 39 39 GLN GLN A . n 
A 1 40 ALA 40 40 40 ALA ALA A . n 
A 1 41 LYS 41 41 41 LYS LYS A . n 
# 
_cell.entry_id           1HJ0 
_cell.length_a           1.000 
_cell.length_b           1.000 
_cell.length_c           1.000 
_cell.angle_alpha        90.00 
_cell.angle_beta         90.00 
_cell.angle_gamma        90.00 
_cell.Z_PDB              1 
_cell.pdbx_unique_axis   ? 
# 
_symmetry.entry_id                         1HJ0 
_symmetry.space_group_name_H-M             'P 1' 
_symmetry.pdbx_full_space_group_name_H-M   ? 
_symmetry.cell_setting                     ? 
_symmetry.Int_Tables_number                1 
# 
_exptl.entry_id          1HJ0 
_exptl.method            'SOLUTION NMR' 
_exptl.crystals_number   ? 
# 
_struct.entry_id                  1HJ0 
_struct.title                     'Thymosin beta9' 
_struct.pdbx_model_details        ? 
_struct.pdbx_CASP_flag            ? 
_struct.pdbx_model_type_details   'MINIMIZED AVERAGE' 
# 
_struct_keywords.entry_id        1HJ0 
_struct_keywords.pdbx_keywords   'ACTIN BINDING PEPTIDE' 
_struct_keywords.text            'ACTIN BINDING PEPTIDE, T-CELL DIFFERENTIATION, IMMUNOPOTENTIATION, THYMUS, ACTIN' 
# 
_struct_asym.id                            A 
_struct_asym.pdbx_blank_PDB_chainid_flag   N 
_struct_asym.pdbx_modified                 N 
_struct_asym.entity_id                     1 
_struct_asym.details                       ? 
# 
_struct_ref.id                         1 
_struct_ref.db_name                    UNP 
_struct_ref.db_code                    TYB9_BOVIN 
_struct_ref.entity_id                  1 
_struct_ref.pdbx_seq_one_letter_code   ? 
_struct_ref.pdbx_align_begin           ? 
_struct_ref.pdbx_db_accession          P21752 
_struct_ref.pdbx_db_isoform            ? 
# 
_struct_ref_seq.align_id                      1 
_struct_ref_seq.ref_id                        1 
_struct_ref_seq.pdbx_PDB_id_code              1HJ0 
_struct_ref_seq.pdbx_strand_id                A 
_struct_ref_seq.seq_align_beg                 1 
_struct_ref_seq.pdbx_seq_align_beg_ins_code   ? 
_struct_ref_seq.seq_align_end                 41 
_struct_ref_seq.pdbx_seq_align_end_ins_code   ? 
_struct_ref_seq.pdbx_db_accession             P21752 
_struct_ref_seq.db_align_beg                  1 
_struct_ref_seq.pdbx_db_align_beg_ins_code    ? 
_struct_ref_seq.db_align_end                  41 
_struct_ref_seq.pdbx_db_align_end_ins_code    ? 
_struct_ref_seq.pdbx_auth_seq_align_beg       1 
_struct_ref_seq.pdbx_auth_seq_align_end       41 
# 
_pdbx_struct_assembly.id                   1 
_pdbx_struct_assembly.details              author_defined_assembly 
_pdbx_struct_assembly.method_details       ? 
_pdbx_struct_assembly.oligomeric_details   monomeric 
_pdbx_struct_assembly.oligomeric_count     1 
# 
_pdbx_struct_assembly_gen.assembly_id       1 
_pdbx_struct_assembly_gen.oper_expression   1 
_pdbx_struct_assembly_gen.asym_id_list      A 
# 
_pdbx_struct_oper_list.id                   1 
_pdbx_struct_oper_list.type                 'identity operation' 
_pdbx_struct_oper_list.name                 1_555 
_pdbx_struct_oper_list.symmetry_operation   x,y,z 
_pdbx_struct_oper_list.matrix[1][1]         1.0000000000 
_pdbx_struct_oper_list.matrix[1][2]         0.0000000000 
_pdbx_struct_oper_list.matrix[1][3]         0.0000000000 
_pdbx_struct_oper_list.vector[1]            0.0000000000 
_pdbx_struct_oper_list.matrix[2][1]         0.0000000000 
_pdbx_struct_oper_list.matrix[2][2]         1.0000000000 
_pdbx_struct_oper_list.matrix[2][3]         0.0000000000 
_pdbx_struct_oper_list.vector[2]            0.0000000000 
_pdbx_struct_oper_list.matrix[3][1]         0.0000000000 
_pdbx_struct_oper_list.matrix[3][2]         0.0000000000 
_pdbx_struct_oper_list.matrix[3][3]         1.0000000000 
_pdbx_struct_oper_list.vector[3]            0.0000000000 
# 
loop_
_struct_conf.conf_type_id 
_struct_conf.id 
_struct_conf.pdbx_PDB_helix_id 
_struct_conf.beg_label_comp_id 
_struct_conf.beg_label_asym_id 
_struct_conf.beg_label_seq_id 
_struct_conf.pdbx_beg_PDB_ins_code 
_struct_conf.end_label_comp_id 
_struct_conf.end_label_asym_id 
_struct_conf.end_label_seq_id 
_struct_conf.pdbx_end_PDB_ins_code 
_struct_conf.beg_auth_comp_id 
_struct_conf.beg_auth_asym_id 
_struct_conf.beg_auth_seq_id 
_struct_conf.end_auth_comp_id 
_struct_conf.end_auth_asym_id 
_struct_conf.end_auth_seq_id 
_struct_conf.pdbx_PDB_helix_class 
_struct_conf.details 
_struct_conf.pdbx_PDB_helix_length 
HELX_P HELX_P1 H1 PRO A 4  ? THR A 27 ? PRO A 4  THR A 27 1 ? 24 
HELX_P HELX_P2 H2 GLU A 32 ? LYS A 41 ? GLU A 32 LYS A 41 1 ? 10 
# 
_struct_conf_type.id          HELX_P 
_struct_conf_type.criteria    ? 
_struct_conf_type.reference   ? 
# 
loop_
_pdbx_validate_torsion.id 
_pdbx_validate_torsion.PDB_model_num 
_pdbx_validate_torsion.auth_comp_id 
_pdbx_validate_torsion.auth_asym_id 
_pdbx_validate_torsion.auth_seq_id 
_pdbx_validate_torsion.PDB_ins_code 
_pdbx_validate_torsion.label_alt_id 
_pdbx_validate_torsion.phi 
_pdbx_validate_torsion.psi 
1 1 ASP A 2  ? ? -93.28 55.76  
2 1 THR A 30 ? ? 163.53 -55.99 
3 1 LYS A 31 ? ? -47.17 -17.36 
4 1 THR A 33 ? ? -36.79 -37.37 
# 
_pdbx_database_remark.id     650 
_pdbx_database_remark.text   
;
HELIX
DETERMINATION METHOD: AUTHOR PROVIDED.
;
# 
_pdbx_nmr_ensemble.entry_id                             1HJ0 
_pdbx_nmr_ensemble.conformers_calculated_total_number   ? 
_pdbx_nmr_ensemble.conformers_submitted_total_number    1 
_pdbx_nmr_ensemble.conformer_selection_criteria         ? 
# 
_pdbx_nmr_sample_details.solution_id   1 
_pdbx_nmr_sample_details.contents      '2.5 MM SODIUM PHOSPHATE, 40% 1,1,1,3,3,3- HEXAFLUORO-2-PROPANOL-D2' 
# 
_pdbx_nmr_exptl_sample_conditions.conditions_id          1 
_pdbx_nmr_exptl_sample_conditions.temperature            298 
_pdbx_nmr_exptl_sample_conditions.pressure_units         ? 
_pdbx_nmr_exptl_sample_conditions.pressure               ? 
_pdbx_nmr_exptl_sample_conditions.pH                     5.1 
_pdbx_nmr_exptl_sample_conditions.ionic_strength         ? 
_pdbx_nmr_exptl_sample_conditions.ionic_strength_units   ? 
_pdbx_nmr_exptl_sample_conditions.pH_units               pH 
_pdbx_nmr_exptl_sample_conditions.temperature_units      K 
# 
_pdbx_nmr_refine.entry_id           1HJ0 
_pdbx_nmr_refine.method             'DISTANCE GEOMETRY AND SIMULATED ANNEALING' 
_pdbx_nmr_refine.details            ? 
_pdbx_nmr_refine.software_ordinal   1 
# 
loop_
_pdbx_nmr_software.classification 
_pdbx_nmr_software.name 
_pdbx_nmr_software.version 
_pdbx_nmr_software.authors 
_pdbx_nmr_software.ordinal 
refinement           X-PLOR 3.1 BRUNGER 1 
'structure solution' X-PLOR 3.1 ?       2 
# 
loop_
_chem_comp_atom.comp_id 
_chem_comp_atom.atom_id 
_chem_comp_atom.type_symbol 
_chem_comp_atom.pdbx_aromatic_flag 
_chem_comp_atom.pdbx_stereo_config 
_chem_comp_atom.pdbx_ordinal 
ALA N    N N N 1   
ALA CA   C N S 2   
ALA C    C N N 3   
ALA O    O N N 4   
ALA CB   C N N 5   
ALA OXT  O N N 6   
ALA H    H N N 7   
ALA H2   H N N 8   
ALA HA   H N N 9   
ALA HB1  H N N 10  
ALA HB2  H N N 11  
ALA HB3  H N N 12  
ALA HXT  H N N 13  
ASN N    N N N 14  
ASN CA   C N S 15  
ASN C    C N N 16  
ASN O    O N N 17  
ASN CB   C N N 18  
ASN CG   C N N 19  
ASN OD1  O N N 20  
ASN ND2  N N N 21  
ASN OXT  O N N 22  
ASN H    H N N 23  
ASN H2   H N N 24  
ASN HA   H N N 25  
ASN HB2  H N N 26  
ASN HB3  H N N 27  
ASN HD21 H N N 28  
ASN HD22 H N N 29  
ASN HXT  H N N 30  
ASP N    N N N 31  
ASP CA   C N S 32  
ASP C    C N N 33  
ASP O    O N N 34  
ASP CB   C N N 35  
ASP CG   C N N 36  
ASP OD1  O N N 37  
ASP OD2  O N N 38  
ASP OXT  O N N 39  
ASP H    H N N 40  
ASP H2   H N N 41  
ASP HA   H N N 42  
ASP HB2  H N N 43  
ASP HB3  H N N 44  
ASP HD2  H N N 45  
ASP HXT  H N N 46  
GLN N    N N N 47  
GLN CA   C N S 48  
GLN C    C N N 49  
GLN O    O N N 50  
GLN CB   C N N 51  
GLN CG   C N N 52  
GLN CD   C N N 53  
GLN OE1  O N N 54  
GLN NE2  N N N 55  
GLN OXT  O N N 56  
GLN H    H N N 57  
GLN H2   H N N 58  
GLN HA   H N N 59  
GLN HB2  H N N 60  
GLN HB3  H N N 61  
GLN HG2  H N N 62  
GLN HG3  H N N 63  
GLN HE21 H N N 64  
GLN HE22 H N N 65  
GLN HXT  H N N 66  
GLU N    N N N 67  
GLU CA   C N S 68  
GLU C    C N N 69  
GLU O    O N N 70  
GLU CB   C N N 71  
GLU CG   C N N 72  
GLU CD   C N N 73  
GLU OE1  O N N 74  
GLU OE2  O N N 75  
GLU OXT  O N N 76  
GLU H    H N N 77  
GLU H2   H N N 78  
GLU HA   H N N 79  
GLU HB2  H N N 80  
GLU HB3  H N N 81  
GLU HG2  H N N 82  
GLU HG3  H N N 83  
GLU HE2  H N N 84  
GLU HXT  H N N 85  
GLY N    N N N 86  
GLY CA   C N N 87  
GLY C    C N N 88  
GLY O    O N N 89  
GLY OXT  O N N 90  
GLY H    H N N 91  
GLY H2   H N N 92  
GLY HA2  H N N 93  
GLY HA3  H N N 94  
GLY HXT  H N N 95  
ILE N    N N N 96  
ILE CA   C N S 97  
ILE C    C N N 98  
ILE O    O N N 99  
ILE CB   C N S 100 
ILE CG1  C N N 101 
ILE CG2  C N N 102 
ILE CD1  C N N 103 
ILE OXT  O N N 104 
ILE H    H N N 105 
ILE H2   H N N 106 
ILE HA   H N N 107 
ILE HB   H N N 108 
ILE HG12 H N N 109 
ILE HG13 H N N 110 
ILE HG21 H N N 111 
ILE HG22 H N N 112 
ILE HG23 H N N 113 
ILE HD11 H N N 114 
ILE HD12 H N N 115 
ILE HD13 H N N 116 
ILE HXT  H N N 117 
LEU N    N N N 118 
LEU CA   C N S 119 
LEU C    C N N 120 
LEU O    O N N 121 
LEU CB   C N N 122 
LEU CG   C N N 123 
LEU CD1  C N N 124 
LEU CD2  C N N 125 
LEU OXT  O N N 126 
LEU H    H N N 127 
LEU H2   H N N 128 
LEU HA   H N N 129 
LEU HB2  H N N 130 
LEU HB3  H N N 131 
LEU HG   H N N 132 
LEU HD11 H N N 133 
LEU HD12 H N N 134 
LEU HD13 H N N 135 
LEU HD21 H N N 136 
LEU HD22 H N N 137 
LEU HD23 H N N 138 
LEU HXT  H N N 139 
LYS N    N N N 140 
LYS CA   C N S 141 
LYS C    C N N 142 
LYS O    O N N 143 
LYS CB   C N N 144 
LYS CG   C N N 145 
LYS CD   C N N 146 
LYS CE   C N N 147 
LYS NZ   N N N 148 
LYS OXT  O N N 149 
LYS H    H N N 150 
LYS H2   H N N 151 
LYS HA   H N N 152 
LYS HB2  H N N 153 
LYS HB3  H N N 154 
LYS HG2  H N N 155 
LYS HG3  H N N 156 
LYS HD2  H N N 157 
LYS HD3  H N N 158 
LYS HE2  H N N 159 
LYS HE3  H N N 160 
LYS HZ1  H N N 161 
LYS HZ2  H N N 162 
LYS HZ3  H N N 163 
LYS HXT  H N N 164 
PHE N    N N N 165 
PHE CA   C N S 166 
PHE C    C N N 167 
PHE O    O N N 168 
PHE CB   C N N 169 
PHE CG   C Y N 170 
PHE CD1  C Y N 171 
PHE CD2  C Y N 172 
PHE CE1  C Y N 173 
PHE CE2  C Y N 174 
PHE CZ   C Y N 175 
PHE OXT  O N N 176 
PHE H    H N N 177 
PHE H2   H N N 178 
PHE HA   H N N 179 
PHE HB2  H N N 180 
PHE HB3  H N N 181 
PHE HD1  H N N 182 
PHE HD2  H N N 183 
PHE HE1  H N N 184 
PHE HE2  H N N 185 
PHE HZ   H N N 186 
PHE HXT  H N N 187 
PRO N    N N N 188 
PRO CA   C N S 189 
PRO C    C N N 190 
PRO O    O N N 191 
PRO CB   C N N 192 
PRO CG   C N N 193 
PRO CD   C N N 194 
PRO OXT  O N N 195 
PRO H    H N N 196 
PRO HA   H N N 197 
PRO HB2  H N N 198 
PRO HB3  H N N 199 
PRO HG2  H N N 200 
PRO HG3  H N N 201 
PRO HD2  H N N 202 
PRO HD3  H N N 203 
PRO HXT  H N N 204 
SER N    N N N 205 
SER CA   C N S 206 
SER C    C N N 207 
SER O    O N N 208 
SER CB   C N N 209 
SER OG   O N N 210 
SER OXT  O N N 211 
SER H    H N N 212 
SER H2   H N N 213 
SER HA   H N N 214 
SER HB2  H N N 215 
SER HB3  H N N 216 
SER HG   H N N 217 
SER HXT  H N N 218 
THR N    N N N 219 
THR CA   C N S 220 
THR C    C N N 221 
THR O    O N N 222 
THR CB   C N R 223 
THR OG1  O N N 224 
THR CG2  C N N 225 
THR OXT  O N N 226 
THR H    H N N 227 
THR H2   H N N 228 
THR HA   H N N 229 
THR HB   H N N 230 
THR HG1  H N N 231 
THR HG21 H N N 232 
THR HG22 H N N 233 
THR HG23 H N N 234 
THR HXT  H N N 235 
# 
loop_
_chem_comp_bond.comp_id 
_chem_comp_bond.atom_id_1 
_chem_comp_bond.atom_id_2 
_chem_comp_bond.value_order 
_chem_comp_bond.pdbx_aromatic_flag 
_chem_comp_bond.pdbx_stereo_config 
_chem_comp_bond.pdbx_ordinal 
ALA N   CA   sing N N 1   
ALA N   H    sing N N 2   
ALA N   H2   sing N N 3   
ALA CA  C    sing N N 4   
ALA CA  CB   sing N N 5   
ALA CA  HA   sing N N 6   
ALA C   O    doub N N 7   
ALA C   OXT  sing N N 8   
ALA CB  HB1  sing N N 9   
ALA CB  HB2  sing N N 10  
ALA CB  HB3  sing N N 11  
ALA OXT HXT  sing N N 12  
ASN N   CA   sing N N 13  
ASN N   H    sing N N 14  
ASN N   H2   sing N N 15  
ASN CA  C    sing N N 16  
ASN CA  CB   sing N N 17  
ASN CA  HA   sing N N 18  
ASN C   O    doub N N 19  
ASN C   OXT  sing N N 20  
ASN CB  CG   sing N N 21  
ASN CB  HB2  sing N N 22  
ASN CB  HB3  sing N N 23  
ASN CG  OD1  doub N N 24  
ASN CG  ND2  sing N N 25  
ASN ND2 HD21 sing N N 26  
ASN ND2 HD22 sing N N 27  
ASN OXT HXT  sing N N 28  
ASP N   CA   sing N N 29  
ASP N   H    sing N N 30  
ASP N   H2   sing N N 31  
ASP CA  C    sing N N 32  
ASP CA  CB   sing N N 33  
ASP CA  HA   sing N N 34  
ASP C   O    doub N N 35  
ASP C   OXT  sing N N 36  
ASP CB  CG   sing N N 37  
ASP CB  HB2  sing N N 38  
ASP CB  HB3  sing N N 39  
ASP CG  OD1  doub N N 40  
ASP CG  OD2  sing N N 41  
ASP OD2 HD2  sing N N 42  
ASP OXT HXT  sing N N 43  
GLN N   CA   sing N N 44  
GLN N   H    sing N N 45  
GLN N   H2   sing N N 46  
GLN CA  C    sing N N 47  
GLN CA  CB   sing N N 48  
GLN CA  HA   sing N N 49  
GLN C   O    doub N N 50  
GLN C   OXT  sing N N 51  
GLN CB  CG   sing N N 52  
GLN CB  HB2  sing N N 53  
GLN CB  HB3  sing N N 54  
GLN CG  CD   sing N N 55  
GLN CG  HG2  sing N N 56  
GLN CG  HG3  sing N N 57  
GLN CD  OE1  doub N N 58  
GLN CD  NE2  sing N N 59  
GLN NE2 HE21 sing N N 60  
GLN NE2 HE22 sing N N 61  
GLN OXT HXT  sing N N 62  
GLU N   CA   sing N N 63  
GLU N   H    sing N N 64  
GLU N   H2   sing N N 65  
GLU CA  C    sing N N 66  
GLU CA  CB   sing N N 67  
GLU CA  HA   sing N N 68  
GLU C   O    doub N N 69  
GLU C   OXT  sing N N 70  
GLU CB  CG   sing N N 71  
GLU CB  HB2  sing N N 72  
GLU CB  HB3  sing N N 73  
GLU CG  CD   sing N N 74  
GLU CG  HG2  sing N N 75  
GLU CG  HG3  sing N N 76  
GLU CD  OE1  doub N N 77  
GLU CD  OE2  sing N N 78  
GLU OE2 HE2  sing N N 79  
GLU OXT HXT  sing N N 80  
GLY N   CA   sing N N 81  
GLY N   H    sing N N 82  
GLY N   H2   sing N N 83  
GLY CA  C    sing N N 84  
GLY CA  HA2  sing N N 85  
GLY CA  HA3  sing N N 86  
GLY C   O    doub N N 87  
GLY C   OXT  sing N N 88  
GLY OXT HXT  sing N N 89  
ILE N   CA   sing N N 90  
ILE N   H    sing N N 91  
ILE N   H2   sing N N 92  
ILE CA  C    sing N N 93  
ILE CA  CB   sing N N 94  
ILE CA  HA   sing N N 95  
ILE C   O    doub N N 96  
ILE C   OXT  sing N N 97  
ILE CB  CG1  sing N N 98  
ILE CB  CG2  sing N N 99  
ILE CB  HB   sing N N 100 
ILE CG1 CD1  sing N N 101 
ILE CG1 HG12 sing N N 102 
ILE CG1 HG13 sing N N 103 
ILE CG2 HG21 sing N N 104 
ILE CG2 HG22 sing N N 105 
ILE CG2 HG23 sing N N 106 
ILE CD1 HD11 sing N N 107 
ILE CD1 HD12 sing N N 108 
ILE CD1 HD13 sing N N 109 
ILE OXT HXT  sing N N 110 
LEU N   CA   sing N N 111 
LEU N   H    sing N N 112 
LEU N   H2   sing N N 113 
LEU CA  C    sing N N 114 
LEU CA  CB   sing N N 115 
LEU CA  HA   sing N N 116 
LEU C   O    doub N N 117 
LEU C   OXT  sing N N 118 
LEU CB  CG   sing N N 119 
LEU CB  HB2  sing N N 120 
LEU CB  HB3  sing N N 121 
LEU CG  CD1  sing N N 122 
LEU CG  CD2  sing N N 123 
LEU CG  HG   sing N N 124 
LEU CD1 HD11 sing N N 125 
LEU CD1 HD12 sing N N 126 
LEU CD1 HD13 sing N N 127 
LEU CD2 HD21 sing N N 128 
LEU CD2 HD22 sing N N 129 
LEU CD2 HD23 sing N N 130 
LEU OXT HXT  sing N N 131 
LYS N   CA   sing N N 132 
LYS N   H    sing N N 133 
LYS N   H2   sing N N 134 
LYS CA  C    sing N N 135 
LYS CA  CB   sing N N 136 
LYS CA  HA   sing N N 137 
LYS C   O    doub N N 138 
LYS C   OXT  sing N N 139 
LYS CB  CG   sing N N 140 
LYS CB  HB2  sing N N 141 
LYS CB  HB3  sing N N 142 
LYS CG  CD   sing N N 143 
LYS CG  HG2  sing N N 144 
LYS CG  HG3  sing N N 145 
LYS CD  CE   sing N N 146 
LYS CD  HD2  sing N N 147 
LYS CD  HD3  sing N N 148 
LYS CE  NZ   sing N N 149 
LYS CE  HE2  sing N N 150 
LYS CE  HE3  sing N N 151 
LYS NZ  HZ1  sing N N 152 
LYS NZ  HZ2  sing N N 153 
LYS NZ  HZ3  sing N N 154 
LYS OXT HXT  sing N N 155 
PHE N   CA   sing N N 156 
PHE N   H    sing N N 157 
PHE N   H2   sing N N 158 
PHE CA  C    sing N N 159 
PHE CA  CB   sing N N 160 
PHE CA  HA   sing N N 161 
PHE C   O    doub N N 162 
PHE C   OXT  sing N N 163 
PHE CB  CG   sing N N 164 
PHE CB  HB2  sing N N 165 
PHE CB  HB3  sing N N 166 
PHE CG  CD1  doub Y N 167 
PHE CG  CD2  sing Y N 168 
PHE CD1 CE1  sing Y N 169 
PHE CD1 HD1  sing N N 170 
PHE CD2 CE2  doub Y N 171 
PHE CD2 HD2  sing N N 172 
PHE CE1 CZ   doub Y N 173 
PHE CE1 HE1  sing N N 174 
PHE CE2 CZ   sing Y N 175 
PHE CE2 HE2  sing N N 176 
PHE CZ  HZ   sing N N 177 
PHE OXT HXT  sing N N 178 
PRO N   CA   sing N N 179 
PRO N   CD   sing N N 180 
PRO N   H    sing N N 181 
PRO CA  C    sing N N 182 
PRO CA  CB   sing N N 183 
PRO CA  HA   sing N N 184 
PRO C   O    doub N N 185 
PRO C   OXT  sing N N 186 
PRO CB  CG   sing N N 187 
PRO CB  HB2  sing N N 188 
PRO CB  HB3  sing N N 189 
PRO CG  CD   sing N N 190 
PRO CG  HG2  sing N N 191 
PRO CG  HG3  sing N N 192 
PRO CD  HD2  sing N N 193 
PRO CD  HD3  sing N N 194 
PRO OXT HXT  sing N N 195 
SER N   CA   sing N N 196 
SER N   H    sing N N 197 
SER N   H2   sing N N 198 
SER CA  C    sing N N 199 
SER CA  CB   sing N N 200 
SER CA  HA   sing N N 201 
SER C   O    doub N N 202 
SER C   OXT  sing N N 203 
SER CB  OG   sing N N 204 
SER CB  HB2  sing N N 205 
SER CB  HB3  sing N N 206 
SER OG  HG   sing N N 207 
SER OXT HXT  sing N N 208 
THR N   CA   sing N N 209 
THR N   H    sing N N 210 
THR N   H2   sing N N 211 
THR CA  C    sing N N 212 
THR CA  CB   sing N N 213 
THR CA  HA   sing N N 214 
THR C   O    doub N N 215 
THR C   OXT  sing N N 216 
THR CB  OG1  sing N N 217 
THR CB  CG2  sing N N 218 
THR CB  HB   sing N N 219 
THR OG1 HG1  sing N N 220 
THR CG2 HG21 sing N N 221 
THR CG2 HG22 sing N N 222 
THR CG2 HG23 sing N N 223 
THR OXT HXT  sing N N 224 
# 
_pdbx_nmr_spectrometer.spectrometer_id   1 
_pdbx_nmr_spectrometer.model             AMX 
_pdbx_nmr_spectrometer.manufacturer      Bruker 
_pdbx_nmr_spectrometer.field_strength    600 
# 
_atom_sites.entry_id                    1HJ0 
_atom_sites.fract_transf_matrix[1][1]   1.000000 
_atom_sites.fract_transf_matrix[1][2]   0.000000 
_atom_sites.fract_transf_matrix[1][3]   0.000000 
_atom_sites.fract_transf_matrix[2][1]   0.000000 
_atom_sites.fract_transf_matrix[2][2]   1.000000 
_atom_sites.fract_transf_matrix[2][3]   0.000000 
_atom_sites.fract_transf_matrix[3][1]   0.000000 
_atom_sites.fract_transf_matrix[3][2]   0.000000 
_atom_sites.fract_transf_matrix[3][3]   1.000000 
_atom_sites.fract_transf_vector[1]      0.00000 
_atom_sites.fract_transf_vector[2]      0.00000 
_atom_sites.fract_transf_vector[3]      0.00000 
# 
loop_
_atom_type.symbol 
C 
H 
N 
O 
# 
loop_
_atom_site.group_PDB 
_atom_site.id 
_atom_site.type_symbol 
_atom_site.label_atom_id 
_atom_site.label_alt_id 
_atom_site.label_comp_id 
_atom_site.label_asym_id 
_atom_site.label_entity_id 
_atom_site.label_seq_id 
_atom_site.pdbx_PDB_ins_code 
_atom_site.Cartn_x 
_atom_site.Cartn_y 
_atom_site.Cartn_z 
_atom_site.occupancy 
_atom_site.B_iso_or_equiv 
_atom_site.pdbx_formal_charge 
_atom_site.auth_seq_id 
_atom_site.auth_comp_id 
_atom_site.auth_asym_id 
_atom_site.auth_atom_id 
_atom_site.pdbx_PDB_model_num 
ATOM 1   N N    . ALA A 1 1  ? 23.095  2.012   -24.412 1.00 0.00 ? 1  ALA A N    1 
ATOM 2   C CA   . ALA A 1 1  ? 22.491  1.194   -23.322 1.00 0.00 ? 1  ALA A CA   1 
ATOM 3   C C    . ALA A 1 1  ? 20.973  1.389   -23.316 1.00 0.00 ? 1  ALA A C    1 
ATOM 4   O O    . ALA A 1 1  ? 20.444  2.197   -22.578 1.00 0.00 ? 1  ALA A O    1 
ATOM 5   C CB   . ALA A 1 1  ? 23.068  1.631   -21.975 1.00 0.00 ? 1  ALA A CB   1 
ATOM 6   H H1   . ALA A 1 1  ? 22.370  2.637   -24.819 1.00 0.00 ? 1  ALA A H1   1 
ATOM 7   H H2   . ALA A 1 1  ? 23.870  2.586   -24.023 1.00 0.00 ? 1  ALA A H2   1 
ATOM 8   H H3   . ALA A 1 1  ? 23.465  1.385   -25.153 1.00 0.00 ? 1  ALA A H3   1 
ATOM 9   H HA   . ALA A 1 1  ? 22.718  0.151   -23.490 1.00 0.00 ? 1  ALA A HA   1 
ATOM 10  H HB1  . ALA A 1 1  ? 23.624  2.548   -22.102 1.00 0.00 ? 1  ALA A HB1  1 
ATOM 11  H HB2  . ALA A 1 1  ? 23.724  0.861   -21.598 1.00 0.00 ? 1  ALA A HB2  1 
ATOM 12  H HB3  . ALA A 1 1  ? 22.263  1.793   -21.273 1.00 0.00 ? 1  ALA A HB3  1 
ATOM 13  N N    . ASP A 1 2  ? 20.267  0.655   -24.132 1.00 0.00 ? 2  ASP A N    1 
ATOM 14  C CA   . ASP A 1 2  ? 18.785  0.799   -24.171 1.00 0.00 ? 2  ASP A CA   1 
ATOM 15  C C    . ASP A 1 2  ? 18.150  -0.223  -23.225 1.00 0.00 ? 2  ASP A C    1 
ATOM 16  O O    . ASP A 1 2  ? 17.321  -1.018  -23.620 1.00 0.00 ? 2  ASP A O    1 
ATOM 17  C CB   . ASP A 1 2  ? 18.287  0.549   -25.597 1.00 0.00 ? 2  ASP A CB   1 
ATOM 18  C CG   . ASP A 1 2  ? 17.816  1.867   -26.213 1.00 0.00 ? 2  ASP A CG   1 
ATOM 19  O OD1  . ASP A 1 2  ? 18.158  2.907   -25.675 1.00 0.00 ? 2  ASP A OD1  1 
ATOM 20  O OD2  . ASP A 1 2  ? 17.121  1.815   -27.215 1.00 0.00 ? 2  ASP A OD2  1 
ATOM 21  H H    . ASP A 1 2  ? 20.712  0.009   -24.719 1.00 0.00 ? 2  ASP A H    1 
ATOM 22  H HA   . ASP A 1 2  ? 18.510  1.796   -23.862 1.00 0.00 ? 2  ASP A HA   1 
ATOM 23  H HB2  . ASP A 1 2  ? 19.090  0.140   -26.191 1.00 0.00 ? 2  ASP A HB2  1 
ATOM 24  H HB3  . ASP A 1 2  ? 17.464  -0.149  -25.573 1.00 0.00 ? 2  ASP A HB3  1 
ATOM 25  N N    . LYS A 1 3  ? 18.534  -0.210  -21.978 1.00 0.00 ? 3  LYS A N    1 
ATOM 26  C CA   . LYS A 1 3  ? 17.953  -1.183  -21.009 1.00 0.00 ? 3  LYS A CA   1 
ATOM 27  C C    . LYS A 1 3  ? 17.328  -0.424  -19.834 1.00 0.00 ? 3  LYS A C    1 
ATOM 28  O O    . LYS A 1 3  ? 17.919  -0.330  -18.776 1.00 0.00 ? 3  LYS A O    1 
ATOM 29  C CB   . LYS A 1 3  ? 19.056  -2.106  -20.492 1.00 0.00 ? 3  LYS A CB   1 
ATOM 30  C CG   . LYS A 1 3  ? 19.996  -2.477  -21.642 1.00 0.00 ? 3  LYS A CG   1 
ATOM 31  C CD   . LYS A 1 3  ? 21.273  -3.103  -21.077 1.00 0.00 ? 3  LYS A CD   1 
ATOM 32  C CE   . LYS A 1 3  ? 22.433  -2.117  -21.222 1.00 0.00 ? 3  LYS A CE   1 
ATOM 33  N NZ   . LYS A 1 3  ? 22.584  -1.337  -19.961 1.00 0.00 ? 3  LYS A NZ   1 
ATOM 34  H H    . LYS A 1 3  ? 19.205  0.438   -21.678 1.00 0.00 ? 3  LYS A H    1 
ATOM 35  H HA   . LYS A 1 3  ? 17.193  -1.771  -21.502 1.00 0.00 ? 3  LYS A HA   1 
ATOM 36  H HB2  . LYS A 1 3  ? 19.616  -1.601  -19.718 1.00 0.00 ? 3  LYS A HB2  1 
ATOM 37  H HB3  . LYS A 1 3  ? 18.615  -3.004  -20.088 1.00 0.00 ? 3  LYS A HB3  1 
ATOM 38  H HG2  . LYS A 1 3  ? 19.504  -3.186  -22.293 1.00 0.00 ? 3  LYS A HG2  1 
ATOM 39  H HG3  . LYS A 1 3  ? 20.249  -1.589  -22.201 1.00 0.00 ? 3  LYS A HG3  1 
ATOM 40  H HD2  . LYS A 1 3  ? 21.127  -3.338  -20.034 1.00 0.00 ? 3  LYS A HD2  1 
ATOM 41  H HD3  . LYS A 1 3  ? 21.502  -4.007  -21.622 1.00 0.00 ? 3  LYS A HD3  1 
ATOM 42  H HE2  . LYS A 1 3  ? 23.345  -2.660  -21.418 1.00 0.00 ? 3  LYS A HE2  1 
ATOM 43  H HE3  . LYS A 1 3  ? 22.233  -1.441  -22.041 1.00 0.00 ? 3  LYS A HE3  1 
ATOM 44  H HZ1  . LYS A 1 3  ? 22.329  -1.937  -19.150 1.00 0.00 ? 3  LYS A HZ1  1 
ATOM 45  H HZ2  . LYS A 1 3  ? 23.571  -1.026  -19.862 1.00 0.00 ? 3  LYS A HZ2  1 
ATOM 46  H HZ3  . LYS A 1 3  ? 21.958  -0.507  -19.990 1.00 0.00 ? 3  LYS A HZ3  1 
ATOM 47  N N    . PRO A 1 4  ? 16.146  0.094   -20.058 1.00 0.00 ? 4  PRO A N    1 
ATOM 48  C CA   . PRO A 1 4  ? 15.400  0.854   -19.037 1.00 0.00 ? 4  PRO A CA   1 
ATOM 49  C C    . PRO A 1 4  ? 14.662  -0.090  -18.092 1.00 0.00 ? 4  PRO A C    1 
ATOM 50  O O    . PRO A 1 4  ? 13.817  0.310   -17.319 1.00 0.00 ? 4  PRO A O    1 
ATOM 51  C CB   . PRO A 1 4  ? 14.405  1.669   -19.858 1.00 0.00 ? 4  PRO A CB   1 
ATOM 52  C CG   . PRO A 1 4  ? 14.230  0.911   -21.199 1.00 0.00 ? 4  PRO A CG   1 
ATOM 53  C CD   . PRO A 1 4  ? 15.448  -0.018  -21.350 1.00 0.00 ? 4  PRO A CD   1 
ATOM 54  H HA   . PRO A 1 4  ? 16.056  1.491   -18.491 1.00 0.00 ? 4  PRO A HA   1 
ATOM 55  H HB2  . PRO A 1 4  ? 13.459  1.736   -19.337 1.00 0.00 ? 4  PRO A HB2  1 
ATOM 56  H HB3  . PRO A 1 4  ? 14.797  2.656   -20.048 1.00 0.00 ? 4  PRO A HB3  1 
ATOM 57  H HG2  . PRO A 1 4  ? 13.319  0.331   -21.178 1.00 0.00 ? 4  PRO A HG2  1 
ATOM 58  H HG3  . PRO A 1 4  ? 14.207  1.608   -22.014 1.00 0.00 ? 4  PRO A HG3  1 
ATOM 59  H HD2  . PRO A 1 4  ? 15.126  -1.037  -21.522 1.00 0.00 ? 4  PRO A HD2  1 
ATOM 60  H HD3  . PRO A 1 4  ? 16.088  0.320   -22.150 1.00 0.00 ? 4  PRO A HD3  1 
ATOM 61  N N    . ASP A 1 5  ? 14.972  -1.338  -18.179 1.00 0.00 ? 5  ASP A N    1 
ATOM 62  C CA   . ASP A 1 5  ? 14.301  -2.362  -17.316 1.00 0.00 ? 5  ASP A CA   1 
ATOM 63  C C    . ASP A 1 5  ? 14.323  -1.959  -15.846 1.00 0.00 ? 5  ASP A C    1 
ATOM 64  O O    . ASP A 1 5  ? 13.299  -1.669  -15.266 1.00 0.00 ? 5  ASP A O    1 
ATOM 65  C CB   . ASP A 1 5  ? 14.982  -3.712  -17.505 1.00 0.00 ? 5  ASP A CB   1 
ATOM 66  C CG   . ASP A 1 5  ? 16.504  -3.563  -17.454 1.00 0.00 ? 5  ASP A CG   1 
ATOM 67  O OD1  . ASP A 1 5  ? 17.067  -3.072  -18.419 1.00 0.00 ? 5  ASP A OD1  1 
ATOM 68  O OD2  . ASP A 1 5  ? 17.083  -3.948  -16.451 1.00 0.00 ? 5  ASP A OD2  1 
ATOM 69  H H    . ASP A 1 5  ? 15.639  -1.605  -18.839 1.00 0.00 ? 5  ASP A H    1 
ATOM 70  H HA   . ASP A 1 5  ? 13.284  -2.449  -17.619 1.00 0.00 ? 5  ASP A HA   1 
ATOM 71  H HB2  . ASP A 1 5  ? 14.655  -4.396  -16.735 1.00 0.00 ? 5  ASP A HB2  1 
ATOM 72  H HB3  . ASP A 1 5  ? 14.700  -4.091  -18.459 1.00 0.00 ? 5  ASP A HB3  1 
ATOM 73  N N    . LEU A 1 6  ? 15.470  -1.923  -15.241 1.00 0.00 ? 6  LEU A N    1 
ATOM 74  C CA   . LEU A 1 6  ? 15.554  -1.519  -13.811 1.00 0.00 ? 6  LEU A CA   1 
ATOM 75  C C    . LEU A 1 6  ? 14.665  -0.302  -13.602 1.00 0.00 ? 6  LEU A C    1 
ATOM 76  O O    . LEU A 1 6  ? 14.205  -0.027  -12.510 1.00 0.00 ? 6  LEU A O    1 
ATOM 77  C CB   . LEU A 1 6  ? 17.001  -1.167  -13.459 1.00 0.00 ? 6  LEU A CB   1 
ATOM 78  C CG   . LEU A 1 6  ? 17.154  -1.103  -11.939 1.00 0.00 ? 6  LEU A CG   1 
ATOM 79  C CD1  . LEU A 1 6  ? 17.431  -2.505  -11.394 1.00 0.00 ? 6  LEU A CD1  1 
ATOM 80  C CD2  . LEU A 1 6  ? 18.324  -0.182  -11.584 1.00 0.00 ? 6  LEU A CD2  1 
ATOM 81  H H    . LEU A 1 6  ? 16.273  -2.145  -15.726 1.00 0.00 ? 6  LEU A H    1 
ATOM 82  H HA   . LEU A 1 6  ? 15.213  -2.329  -13.187 1.00 0.00 ? 6  LEU A HA   1 
ATOM 83  H HB2  . LEU A 1 6  ? 17.663  -1.922  -13.857 1.00 0.00 ? 6  LEU A HB2  1 
ATOM 84  H HB3  . LEU A 1 6  ? 17.252  -0.208  -13.885 1.00 0.00 ? 6  LEU A HB3  1 
ATOM 85  H HG   . LEU A 1 6  ? 16.245  -0.719  -11.500 1.00 0.00 ? 6  LEU A HG   1 
ATOM 86  H HD11 . LEU A 1 6  ? 17.361  -3.223  -12.196 1.00 0.00 ? 6  LEU A HD11 1 
ATOM 87  H HD12 . LEU A 1 6  ? 18.422  -2.536  -10.967 1.00 0.00 ? 6  LEU A HD12 1 
ATOM 88  H HD13 . LEU A 1 6  ? 16.703  -2.745  -10.632 1.00 0.00 ? 6  LEU A HD13 1 
ATOM 89  H HD21 . LEU A 1 6  ? 19.128  -0.333  -12.288 1.00 0.00 ? 6  LEU A HD21 1 
ATOM 90  H HD22 . LEU A 1 6  ? 17.998  0.847   -11.627 1.00 0.00 ? 6  LEU A HD22 1 
ATOM 91  H HD23 . LEU A 1 6  ? 18.671  -0.408  -10.586 1.00 0.00 ? 6  LEU A HD23 1 
ATOM 92  N N    . GLY A 1 7  ? 14.424  0.430   -14.647 1.00 0.00 ? 7  GLY A N    1 
ATOM 93  C CA   . GLY A 1 7  ? 13.567  1.641   -14.522 1.00 0.00 ? 7  GLY A CA   1 
ATOM 94  C C    . GLY A 1 7  ? 12.095  1.247   -14.391 1.00 0.00 ? 7  GLY A C    1 
ATOM 95  O O    . GLY A 1 7  ? 11.474  1.454   -13.366 1.00 0.00 ? 7  GLY A O    1 
ATOM 96  H H    . GLY A 1 7  ? 14.810  0.180   -15.520 1.00 0.00 ? 7  GLY A H    1 
ATOM 97  H HA2  . GLY A 1 7  ? 13.863  2.194   -13.645 1.00 0.00 ? 7  GLY A HA2  1 
ATOM 98  H HA3  . GLY A 1 7  ? 13.690  2.256   -15.397 1.00 0.00 ? 7  GLY A HA3  1 
ATOM 99  N N    . GLU A 1 8  ? 11.527  0.696   -15.425 1.00 0.00 ? 8  GLU A N    1 
ATOM 100 C CA   . GLU A 1 8  ? 10.088  0.306   -15.362 1.00 0.00 ? 8  GLU A CA   1 
ATOM 101 C C    . GLU A 1 8  ? 9.829   -0.489  -14.088 1.00 0.00 ? 8  GLU A C    1 
ATOM 102 O O    . GLU A 1 8  ? 8.774   -0.399  -13.486 1.00 0.00 ? 8  GLU A O    1 
ATOM 103 C CB   . GLU A 1 8  ? 9.719   -0.562  -16.571 1.00 0.00 ? 8  GLU A CB   1 
ATOM 104 C CG   . GLU A 1 8  ? 10.523  -0.126  -17.793 1.00 0.00 ? 8  GLU A CG   1 
ATOM 105 C CD   . GLU A 1 8  ? 9.828   -0.615  -19.065 1.00 0.00 ? 8  GLU A CD   1 
ATOM 106 O OE1  . GLU A 1 8  ? 9.185   -1.650  -19.004 1.00 0.00 ? 8  GLU A OE1  1 
ATOM 107 O OE2  . GLU A 1 8  ? 9.951   0.053   -20.079 1.00 0.00 ? 8  GLU A OE2  1 
ATOM 108 H H    . GLU A 1 8  ? 12.046  0.548   -16.242 1.00 0.00 ? 8  GLU A H    1 
ATOM 109 H HA   . GLU A 1 8  ? 9.477   1.195   -15.359 1.00 0.00 ? 8  GLU A HA   1 
ATOM 110 H HB2  . GLU A 1 8  ? 9.938   -1.596  -16.348 1.00 0.00 ? 8  GLU A HB2  1 
ATOM 111 H HB3  . GLU A 1 8  ? 8.665   -0.457  -16.779 1.00 0.00 ? 8  GLU A HB3  1 
ATOM 112 H HG2  . GLU A 1 8  ? 10.594  0.953   -17.812 1.00 0.00 ? 8  GLU A HG2  1 
ATOM 113 H HG3  . GLU A 1 8  ? 11.514  -0.551  -17.738 1.00 0.00 ? 8  GLU A HG3  1 
ATOM 114 N N    . ILE A 1 9  ? 10.777  -1.274  -13.669 1.00 0.00 ? 9  ILE A N    1 
ATOM 115 C CA   . ILE A 1 9  ? 10.555  -2.074  -12.435 1.00 0.00 ? 9  ILE A CA   1 
ATOM 116 C C    . ILE A 1 9  ? 10.581  -1.158  -11.217 1.00 0.00 ? 9  ILE A C    1 
ATOM 117 O O    . ILE A 1 9  ? 9.687   -1.194  -10.410 1.00 0.00 ? 9  ILE A O    1 
ATOM 118 C CB   . ILE A 1 9  ? 11.612  -3.170  -12.293 1.00 0.00 ? 9  ILE A CB   1 
ATOM 119 C CG1  . ILE A 1 9  ? 11.276  -4.036  -11.080 1.00 0.00 ? 9  ILE A CG1  1 
ATOM 120 C CG2  . ILE A 1 9  ? 12.978  -2.540  -12.089 1.00 0.00 ? 9  ILE A CG2  1 
ATOM 121 C CD1  . ILE A 1 9  ? 12.403  -5.041  -10.842 1.00 0.00 ? 9  ILE A CD1  1 
ATOM 122 H H    . ILE A 1 9  ? 11.623  -1.334  -14.166 1.00 0.00 ? 9  ILE A H    1 
ATOM 123 H HA   . ILE A 1 9  ? 9.583   -2.536  -12.493 1.00 0.00 ? 9  ILE A HA   1 
ATOM 124 H HB   . ILE A 1 9  ? 11.623  -3.781  -13.184 1.00 0.00 ? 9  ILE A HB   1 
ATOM 125 H HG12 . ILE A 1 9  ? 11.164  -3.403  -10.211 1.00 0.00 ? 9  ILE A HG12 1 
ATOM 126 H HG13 . ILE A 1 9  ? 10.353  -4.568  -11.260 1.00 0.00 ? 9  ILE A HG13 1 
ATOM 127 H HG21 . ILE A 1 9  ? 13.176  -1.866  -12.901 1.00 0.00 ? 9  ILE A HG21 1 
ATOM 128 H HG22 . ILE A 1 9  ? 12.987  -1.998  -11.155 1.00 0.00 ? 9  ILE A HG22 1 
ATOM 129 H HG23 . ILE A 1 9  ? 13.730  -3.313  -12.068 1.00 0.00 ? 9  ILE A HG23 1 
ATOM 130 H HD11 . ILE A 1 9  ? 12.912  -5.240  -11.774 1.00 0.00 ? 9  ILE A HD11 1 
ATOM 131 H HD12 . ILE A 1 9  ? 13.104  -4.632  -10.129 1.00 0.00 ? 9  ILE A HD12 1 
ATOM 132 H HD13 . ILE A 1 9  ? 11.991  -5.961  -10.454 1.00 0.00 ? 9  ILE A HD13 1 
ATOM 133 N N    . ASN A 1 10 ? 11.576  -0.322  -11.066 1.00 0.00 ? 10 ASN A N    1 
ATOM 134 C CA   . ASN A 1 10 ? 11.576  0.576   -9.878  1.00 0.00 ? 10 ASN A CA   1 
ATOM 135 C C    . ASN A 1 10 ? 10.210  1.266   -9.809  1.00 0.00 ? 10 ASN A C    1 
ATOM 136 O O    . ASN A 1 10 ? 9.628   1.415   -8.748  1.00 0.00 ? 10 ASN A O    1 
ATOM 137 C CB   . ASN A 1 10 ? 12.715  1.605   -9.983  1.00 0.00 ? 10 ASN A CB   1 
ATOM 138 C CG   . ASN A 1 10 ? 14.054  0.868   -10.056 1.00 0.00 ? 10 ASN A CG   1 
ATOM 139 O OD1  . ASN A 1 10 ? 15.015  1.384   -10.592 1.00 0.00 ? 10 ASN A OD1  1 
ATOM 140 N ND2  . ASN A 1 10 ? 14.159  -0.325  -9.537  1.00 0.00 ? 10 ASN A ND2  1 
ATOM 141 H H    . ASN A 1 10 ? 12.299  -0.279  -11.724 1.00 0.00 ? 10 ASN A H    1 
ATOM 142 H HA   . ASN A 1 10 ? 11.711  -0.019  -8.987  1.00 0.00 ? 10 ASN A HA   1 
ATOM 143 H HB2  . ASN A 1 10 ? 12.594  2.211   -10.866 1.00 0.00 ? 10 ASN A HB2  1 
ATOM 144 H HB3  . ASN A 1 10 ? 12.707  2.238   -9.109  1.00 0.00 ? 10 ASN A HB3  1 
ATOM 145 H HD21 . ASN A 1 10 ? 13.386  -0.742  -9.103  1.00 0.00 ? 10 ASN A HD21 1 
ATOM 146 H HD22 . ASN A 1 10 ? 15.011  -0.806  -9.584  1.00 0.00 ? 10 ASN A HD22 1 
ATOM 147 N N    . SER A 1 11 ? 9.668   1.654   -10.936 1.00 0.00 ? 11 SER A N    1 
ATOM 148 C CA   . SER A 1 11 ? 8.324   2.290   -10.923 1.00 0.00 ? 11 SER A CA   1 
ATOM 149 C C    . SER A 1 11 ? 7.297   1.253   -10.450 1.00 0.00 ? 11 SER A C    1 
ATOM 150 O O    . SER A 1 11 ? 6.390   1.562   -9.711  1.00 0.00 ? 11 SER A O    1 
ATOM 151 C CB   . SER A 1 11 ? 7.967   2.760   -12.333 1.00 0.00 ? 11 SER A CB   1 
ATOM 152 O OG   . SER A 1 11 ? 7.453   4.085   -12.269 1.00 0.00 ? 11 SER A OG   1 
ATOM 153 H H    . SER A 1 11 ? 10.133  1.506   -11.790 1.00 0.00 ? 11 SER A H    1 
ATOM 154 H HA   . SER A 1 11 ? 8.328   3.132   -10.247 1.00 0.00 ? 11 SER A HA   1 
ATOM 155 H HB2  . SER A 1 11 ? 8.848   2.751   -12.952 1.00 0.00 ? 11 SER A HB2  1 
ATOM 156 H HB3  . SER A 1 11 ? 7.225   2.096   -12.755 1.00 0.00 ? 11 SER A HB3  1 
ATOM 157 H HG   . SER A 1 11 ? 8.183   4.692   -12.411 1.00 0.00 ? 11 SER A HG   1 
ATOM 158 N N    . PHE A 1 12 ? 7.439   0.024   -10.881 1.00 0.00 ? 12 PHE A N    1 
ATOM 159 C CA   . PHE A 1 12 ? 6.486   -1.043  -10.467 1.00 0.00 ? 12 PHE A CA   1 
ATOM 160 C C    . PHE A 1 12 ? 6.532   -1.229  -8.940  1.00 0.00 ? 12 PHE A C    1 
ATOM 161 O O    . PHE A 1 12 ? 5.512   -1.377  -8.302  1.00 0.00 ? 12 PHE A O    1 
ATOM 162 C CB   . PHE A 1 12 ? 6.873   -2.340  -11.207 1.00 0.00 ? 12 PHE A CB   1 
ATOM 163 C CG   . PHE A 1 12 ? 6.807   -3.546  -10.292 1.00 0.00 ? 12 PHE A CG   1 
ATOM 164 C CD1  . PHE A 1 12 ? 5.584   -4.183  -10.059 1.00 0.00 ? 12 PHE A CD1  1 
ATOM 165 C CD2  . PHE A 1 12 ? 7.975   -4.025  -9.684  1.00 0.00 ? 12 PHE A CD2  1 
ATOM 166 C CE1  . PHE A 1 12 ? 5.526   -5.299  -9.214  1.00 0.00 ? 12 PHE A CE1  1 
ATOM 167 C CE2  . PHE A 1 12 ? 7.917   -5.139  -8.840  1.00 0.00 ? 12 PHE A CE2  1 
ATOM 168 C CZ   . PHE A 1 12 ? 6.693   -5.777  -8.606  1.00 0.00 ? 12 PHE A CZ   1 
ATOM 169 H H    . PHE A 1 12 ? 8.176   -0.202  -11.486 1.00 0.00 ? 12 PHE A H    1 
ATOM 170 H HA   . PHE A 1 12 ? 5.485   -0.756  -10.755 1.00 0.00 ? 12 PHE A HA   1 
ATOM 171 H HB2  . PHE A 1 12 ? 6.198   -2.489  -12.034 1.00 0.00 ? 12 PHE A HB2  1 
ATOM 172 H HB3  . PHE A 1 12 ? 7.880   -2.238  -11.587 1.00 0.00 ? 12 PHE A HB3  1 
ATOM 173 H HD1  . PHE A 1 12 ? 4.686   -3.815  -10.530 1.00 0.00 ? 12 PHE A HD1  1 
ATOM 174 H HD2  . PHE A 1 12 ? 8.920   -3.534  -9.868  1.00 0.00 ? 12 PHE A HD2  1 
ATOM 175 H HE1  . PHE A 1 12 ? 4.581   -5.790  -9.033  1.00 0.00 ? 12 PHE A HE1  1 
ATOM 176 H HE2  . PHE A 1 12 ? 8.816   -5.507  -8.371  1.00 0.00 ? 12 PHE A HE2  1 
ATOM 177 H HZ   . PHE A 1 12 ? 6.649   -6.637  -7.955  1.00 0.00 ? 12 PHE A HZ   1 
ATOM 178 N N    . ASP A 1 13 ? 7.696   -1.229  -8.345  1.00 0.00 ? 13 ASP A N    1 
ATOM 179 C CA   . ASP A 1 13 ? 7.764   -1.411  -6.870  1.00 0.00 ? 13 ASP A CA   1 
ATOM 180 C C    . ASP A 1 13 ? 7.100   -0.214  -6.186  1.00 0.00 ? 13 ASP A C    1 
ATOM 181 O O    . ASP A 1 13 ? 6.242   -0.373  -5.339  1.00 0.00 ? 13 ASP A O    1 
ATOM 182 C CB   . ASP A 1 13 ? 9.229   -1.545  -6.421  1.00 0.00 ? 13 ASP A CB   1 
ATOM 183 C CG   . ASP A 1 13 ? 9.884   -0.165  -6.302  1.00 0.00 ? 13 ASP A CG   1 
ATOM 184 O OD1  . ASP A 1 13 ? 9.550   0.550   -5.371  1.00 0.00 ? 13 ASP A OD1  1 
ATOM 185 O OD2  . ASP A 1 13 ? 10.713  0.148   -7.139  1.00 0.00 ? 13 ASP A OD2  1 
ATOM 186 H H    . ASP A 1 13 ? 8.516   -1.113  -8.860  1.00 0.00 ? 13 ASP A H    1 
ATOM 187 H HA   . ASP A 1 13 ? 7.228   -2.311  -6.602  1.00 0.00 ? 13 ASP A HA   1 
ATOM 188 H HB2  . ASP A 1 13 ? 9.265   -2.040  -5.462  1.00 0.00 ? 13 ASP A HB2  1 
ATOM 189 H HB3  . ASP A 1 13 ? 9.772   -2.133  -7.147  1.00 0.00 ? 13 ASP A HB3  1 
ATOM 190 N N    . LYS A 1 14 ? 7.478   0.984   -6.547  1.00 0.00 ? 14 LYS A N    1 
ATOM 191 C CA   . LYS A 1 14 ? 6.844   2.172   -5.907  1.00 0.00 ? 14 LYS A CA   1 
ATOM 192 C C    . LYS A 1 14 ? 5.344   2.222   -6.259  1.00 0.00 ? 14 LYS A C    1 
ATOM 193 O O    . LYS A 1 14 ? 4.553   2.805   -5.541  1.00 0.00 ? 14 LYS A O    1 
ATOM 194 C CB   . LYS A 1 14 ? 7.558   3.466   -6.347  1.00 0.00 ? 14 LYS A CB   1 
ATOM 195 C CG   . LYS A 1 14 ? 9.047   3.359   -6.012  1.00 0.00 ? 14 LYS A CG   1 
ATOM 196 C CD   . LYS A 1 14 ? 9.588   4.735   -5.618  1.00 0.00 ? 14 LYS A CD   1 
ATOM 197 C CE   . LYS A 1 14 ? 11.060  4.841   -6.023  1.00 0.00 ? 14 LYS A CE   1 
ATOM 198 N NZ   . LYS A 1 14 ? 11.493  6.265   -5.954  1.00 0.00 ? 14 LYS A NZ   1 
ATOM 199 H H    . LYS A 1 14 ? 8.173   1.101   -7.239  1.00 0.00 ? 14 LYS A H    1 
ATOM 200 H HA   . LYS A 1 14 ? 6.939   2.073   -4.835  1.00 0.00 ? 14 LYS A HA   1 
ATOM 201 H HB2  . LYS A 1 14 ? 7.441   3.622   -7.409  1.00 0.00 ? 14 LYS A HB2  1 
ATOM 202 H HB3  . LYS A 1 14 ? 7.135   4.305   -5.814  1.00 0.00 ? 14 LYS A HB3  1 
ATOM 203 H HG2  . LYS A 1 14 ? 9.181   2.670   -5.189  1.00 0.00 ? 14 LYS A HG2  1 
ATOM 204 H HG3  . LYS A 1 14 ? 9.585   2.997   -6.875  1.00 0.00 ? 14 LYS A HG3  1 
ATOM 205 H HD2  . LYS A 1 14 ? 9.018   5.503   -6.121  1.00 0.00 ? 14 LYS A HD2  1 
ATOM 206 H HD3  . LYS A 1 14 ? 9.501   4.864   -4.549  1.00 0.00 ? 14 LYS A HD3  1 
ATOM 207 H HE2  . LYS A 1 14 ? 11.661  4.249   -5.350  1.00 0.00 ? 14 LYS A HE2  1 
ATOM 208 H HE3  . LYS A 1 14 ? 11.183  4.476   -7.032  1.00 0.00 ? 14 LYS A HE3  1 
ATOM 209 H HZ1  . LYS A 1 14 ? 11.179  6.680   -5.053  1.00 0.00 ? 14 LYS A HZ1  1 
ATOM 210 H HZ2  . LYS A 1 14 ? 12.529  6.317   -6.014  1.00 0.00 ? 14 LYS A HZ2  1 
ATOM 211 H HZ3  . LYS A 1 14 ? 11.073  6.795   -6.746  1.00 0.00 ? 14 LYS A HZ3  1 
ATOM 212 N N    . ALA A 1 15 ? 4.933   1.607   -7.347  1.00 0.00 ? 15 ALA A N    1 
ATOM 213 C CA   . ALA A 1 15 ? 3.490   1.630   -7.713  1.00 0.00 ? 15 ALA A CA   1 
ATOM 214 C C    . ALA A 1 15 ? 2.736   0.656   -6.819  1.00 0.00 ? 15 ALA A C    1 
ATOM 215 O O    . ALA A 1 15 ? 1.935   1.050   -6.004  1.00 0.00 ? 15 ALA A O    1 
ATOM 216 C CB   . ALA A 1 15 ? 3.326   1.208   -9.169  1.00 0.00 ? 15 ALA A CB   1 
ATOM 217 H H    . ALA A 1 15 ? 5.561   1.119   -7.911  1.00 0.00 ? 15 ALA A H    1 
ATOM 218 H HA   . ALA A 1 15 ? 3.097   2.627   -7.578  1.00 0.00 ? 15 ALA A HA   1 
ATOM 219 H HB1  . ALA A 1 15 ? 3.873   0.294   -9.340  1.00 0.00 ? 15 ALA A HB1  1 
ATOM 220 H HB2  . ALA A 1 15 ? 3.709   1.985   -9.812  1.00 0.00 ? 15 ALA A HB2  1 
ATOM 221 H HB3  . ALA A 1 15 ? 2.280   1.047   -9.379  1.00 0.00 ? 15 ALA A HB3  1 
ATOM 222 N N    . LYS A 1 16 ? 2.986   -0.615  -6.956  1.00 0.00 ? 16 LYS A N    1 
ATOM 223 C CA   . LYS A 1 16 ? 2.277   -1.590  -6.089  1.00 0.00 ? 16 LYS A CA   1 
ATOM 224 C C    . LYS A 1 16 ? 2.341   -1.081  -4.646  1.00 0.00 ? 16 LYS A C    1 
ATOM 225 O O    . LYS A 1 16 ? 1.383   -1.168  -3.903  1.00 0.00 ? 16 LYS A O    1 
ATOM 226 C CB   . LYS A 1 16 ? 2.948   -2.968  -6.197  1.00 0.00 ? 16 LYS A CB   1 
ATOM 227 C CG   . LYS A 1 16 ? 2.525   -3.844  -5.015  1.00 0.00 ? 16 LYS A CG   1 
ATOM 228 C CD   . LYS A 1 16 ? 2.087   -5.217  -5.527  1.00 0.00 ? 16 LYS A CD   1 
ATOM 229 C CE   . LYS A 1 16 ? 2.621   -6.306  -4.595  1.00 0.00 ? 16 LYS A CE   1 
ATOM 230 N NZ   . LYS A 1 16 ? 1.480   -6.992  -3.925  1.00 0.00 ? 16 LYS A NZ   1 
ATOM 231 H H    . LYS A 1 16 ? 3.641   -0.922  -7.617  1.00 0.00 ? 16 LYS A H    1 
ATOM 232 H HA   . LYS A 1 16 ? 1.244   -1.663  -6.399  1.00 0.00 ? 16 LYS A HA   1 
ATOM 233 H HB2  . LYS A 1 16 ? 2.645   -3.442  -7.121  1.00 0.00 ? 16 LYS A HB2  1 
ATOM 234 H HB3  . LYS A 1 16 ? 4.020   -2.848  -6.190  1.00 0.00 ? 16 LYS A HB3  1 
ATOM 235 H HG2  . LYS A 1 16 ? 3.359   -3.961  -4.337  1.00 0.00 ? 16 LYS A HG2  1 
ATOM 236 H HG3  . LYS A 1 16 ? 1.702   -3.377  -4.496  1.00 0.00 ? 16 LYS A HG3  1 
ATOM 237 H HD2  . LYS A 1 16 ? 1.008   -5.264  -5.555  1.00 0.00 ? 16 LYS A HD2  1 
ATOM 238 H HD3  . LYS A 1 16 ? 2.479   -5.373  -6.522  1.00 0.00 ? 16 LYS A HD3  1 
ATOM 239 H HE2  . LYS A 1 16 ? 3.186   -7.025  -5.169  1.00 0.00 ? 16 LYS A HE2  1 
ATOM 240 H HE3  . LYS A 1 16 ? 3.261   -5.858  -3.848  1.00 0.00 ? 16 LYS A HE3  1 
ATOM 241 H HZ1  . LYS A 1 16 ? 0.589   -6.701  -4.377  1.00 0.00 ? 16 LYS A HZ1  1 
ATOM 242 H HZ2  . LYS A 1 16 ? 1.594   -8.021  -4.012  1.00 0.00 ? 16 LYS A HZ2  1 
ATOM 243 H HZ3  . LYS A 1 16 ? 1.461   -6.731  -2.919  1.00 0.00 ? 16 LYS A HZ3  1 
ATOM 244 N N    . LEU A 1 17 ? 3.465   -0.534  -4.250  1.00 0.00 ? 17 LEU A N    1 
ATOM 245 C CA   . LEU A 1 17 ? 3.590   -0.009  -2.861  1.00 0.00 ? 17 LEU A CA   1 
ATOM 246 C C    . LEU A 1 17 ? 2.635   1.159   -2.656  1.00 0.00 ? 17 LEU A C    1 
ATOM 247 O O    . LEU A 1 17 ? 2.038   1.282   -1.615  1.00 0.00 ? 17 LEU A O    1 
ATOM 248 C CB   . LEU A 1 17 ? 5.028   0.455   -2.607  1.00 0.00 ? 17 LEU A CB   1 
ATOM 249 C CG   . LEU A 1 17 ? 5.167   0.967   -1.166  1.00 0.00 ? 17 LEU A CG   1 
ATOM 250 C CD1  . LEU A 1 17 ? 4.596   2.382   -1.066  1.00 0.00 ? 17 LEU A CD1  1 
ATOM 251 C CD2  . LEU A 1 17 ? 4.405   0.045   -0.208  1.00 0.00 ? 17 LEU A CD2  1 
ATOM 252 H H    . LEU A 1 17 ? 4.223   -0.465  -4.869  1.00 0.00 ? 17 LEU A H    1 
ATOM 253 H HA   . LEU A 1 17 ? 3.334   -0.787  -2.156  1.00 0.00 ? 17 LEU A HA   1 
ATOM 254 H HB2  . LEU A 1 17 ? 5.703   -0.374  -2.762  1.00 0.00 ? 17 LEU A HB2  1 
ATOM 255 H HB3  . LEU A 1 17 ? 5.273   1.250   -3.294  1.00 0.00 ? 17 LEU A HB3  1 
ATOM 256 H HG   . LEU A 1 17 ? 6.214   0.984   -0.894  1.00 0.00 ? 17 LEU A HG   1 
ATOM 257 H HD11 . LEU A 1 17 ? 4.300   2.721   -2.047  1.00 0.00 ? 17 LEU A HD11 1 
ATOM 258 H HD12 . LEU A 1 17 ? 3.737   2.376   -0.412  1.00 0.00 ? 17 LEU A HD12 1 
ATOM 259 H HD13 . LEU A 1 17 ? 5.348   3.046   -0.666  1.00 0.00 ? 17 LEU A HD13 1 
ATOM 260 H HD21 . LEU A 1 17 ? 4.759   -0.969  -0.324  1.00 0.00 ? 17 LEU A HD21 1 
ATOM 261 H HD22 . LEU A 1 17 ? 4.567   0.369   0.809   1.00 0.00 ? 17 LEU A HD22 1 
ATOM 262 H HD23 . LEU A 1 17 ? 3.350   0.086   -0.434  1.00 0.00 ? 17 LEU A HD23 1 
ATOM 263 N N    . LYS A 1 18 ? 2.475   2.029   -3.613  1.00 0.00 ? 18 LYS A N    1 
ATOM 264 C CA   . LYS A 1 18 ? 1.533   3.159   -3.386  1.00 0.00 ? 18 LYS A CA   1 
ATOM 265 C C    . LYS A 1 18 ? 0.106   2.629   -3.388  1.00 0.00 ? 18 LYS A C    1 
ATOM 266 O O    . LYS A 1 18 ? -0.621  2.781   -2.434  1.00 0.00 ? 18 LYS A O    1 
ATOM 267 C CB   . LYS A 1 18 ? 1.701   4.217   -4.476  1.00 0.00 ? 18 LYS A CB   1 
ATOM 268 C CG   . LYS A 1 18 ? 2.156   5.533   -3.842  1.00 0.00 ? 18 LYS A CG   1 
ATOM 269 C CD   . LYS A 1 18 ? 3.673   5.512   -3.653  1.00 0.00 ? 18 LYS A CD   1 
ATOM 270 C CE   . LYS A 1 18 ? 4.112   6.769   -2.900  1.00 0.00 ? 18 LYS A CE   1 
ATOM 271 N NZ   . LYS A 1 18 ? 4.836   7.679   -3.831  1.00 0.00 ? 18 LYS A NZ   1 
ATOM 272 H H    . LYS A 1 18 ? 2.967   1.946   -4.465  1.00 0.00 ? 18 LYS A H    1 
ATOM 273 H HA   . LYS A 1 18 ? 1.727   3.588   -2.422  1.00 0.00 ? 18 LYS A HA   1 
ATOM 274 H HB2  . LYS A 1 18 ? 2.441   3.885   -5.190  1.00 0.00 ? 18 LYS A HB2  1 
ATOM 275 H HB3  . LYS A 1 18 ? 0.758   4.370   -4.979  1.00 0.00 ? 18 LYS A HB3  1 
ATOM 276 H HG2  . LYS A 1 18 ? 1.882   6.357   -4.485  1.00 0.00 ? 18 LYS A HG2  1 
ATOM 277 H HG3  . LYS A 1 18 ? 1.677   5.653   -2.880  1.00 0.00 ? 18 LYS A HG3  1 
ATOM 278 H HD2  . LYS A 1 18 ? 3.953   4.636   -3.086  1.00 0.00 ? 18 LYS A HD2  1 
ATOM 279 H HD3  . LYS A 1 18 ? 4.157   5.486   -4.618  1.00 0.00 ? 18 LYS A HD3  1 
ATOM 280 H HE2  . LYS A 1 18 ? 3.243   7.275   -2.506  1.00 0.00 ? 18 LYS A HE2  1 
ATOM 281 H HE3  . LYS A 1 18 ? 4.766   6.492   -2.085  1.00 0.00 ? 18 LYS A HE3  1 
ATOM 282 H HZ1  . LYS A 1 18 ? 5.267   7.120   -4.596  1.00 0.00 ? 18 LYS A HZ1  1 
ATOM 283 H HZ2  . LYS A 1 18 ? 4.168   8.365   -4.236  1.00 0.00 ? 18 LYS A HZ2  1 
ATOM 284 H HZ3  . LYS A 1 18 ? 5.580   8.187   -3.312  1.00 0.00 ? 18 LYS A HZ3  1 
ATOM 285 N N    . LYS A 1 19 ? -0.307  2.001   -4.435  1.00 0.00 ? 19 LYS A N    1 
ATOM 286 C CA   . LYS A 1 19 ? -1.683  1.463   -4.455  1.00 0.00 ? 19 LYS A CA   1 
ATOM 287 C C    . LYS A 1 19 ? -1.905  0.606   -3.207  1.00 0.00 ? 19 LYS A C    1 
ATOM 288 O O    . LYS A 1 19 ? -3.016  0.448   -2.749  1.00 0.00 ? 19 LYS A O    1 
ATOM 289 C CB   . LYS A 1 19 ? -1.872  0.595   -5.698  1.00 0.00 ? 19 LYS A CB   1 
ATOM 290 C CG   . LYS A 1 19 ? -3.278  0.805   -6.262  1.00 0.00 ? 19 LYS A CG   1 
ATOM 291 C CD   . LYS A 1 19 ? -3.633  -0.357  -7.192  1.00 0.00 ? 19 LYS A CD   1 
ATOM 292 C CE   . LYS A 1 19 ? -4.605  -1.302  -6.483  1.00 0.00 ? 19 LYS A CE   1 
ATOM 293 N NZ   . LYS A 1 19 ? -4.371  -2.698  -6.951  1.00 0.00 ? 19 LYS A NZ   1 
ATOM 294 H H    . LYS A 1 19 ? 0.283   1.876   -5.203  1.00 0.00 ? 19 LYS A H    1 
ATOM 295 H HA   . LYS A 1 19 ? -2.392  2.277   -4.466  1.00 0.00 ? 19 LYS A HA   1 
ATOM 296 H HB2  . LYS A 1 19 ? -1.138  0.871   -6.442  1.00 0.00 ? 19 LYS A HB2  1 
ATOM 297 H HB3  . LYS A 1 19 ? -1.743  -0.443  -5.433  1.00 0.00 ? 19 LYS A HB3  1 
ATOM 298 H HG2  . LYS A 1 19 ? -3.989  0.847   -5.449  1.00 0.00 ? 19 LYS A HG2  1 
ATOM 299 H HG3  . LYS A 1 19 ? -3.309  1.730   -6.817  1.00 0.00 ? 19 LYS A HG3  1 
ATOM 300 H HD2  . LYS A 1 19 ? -4.094  0.030   -8.089  1.00 0.00 ? 19 LYS A HD2  1 
ATOM 301 H HD3  . LYS A 1 19 ? -2.735  -0.896  -7.453  1.00 0.00 ? 19 LYS A HD3  1 
ATOM 302 H HE2  . LYS A 1 19 ? -4.446  -1.248  -5.417  1.00 0.00 ? 19 LYS A HE2  1 
ATOM 303 H HE3  . LYS A 1 19 ? -5.620  -1.011  -6.711  1.00 0.00 ? 19 LYS A HE3  1 
ATOM 304 H HZ1  . LYS A 1 19 ? -3.543  -2.720  -7.578  1.00 0.00 ? 19 LYS A HZ1  1 
ATOM 305 H HZ2  . LYS A 1 19 ? -4.199  -3.314  -6.131  1.00 0.00 ? 19 LYS A HZ2  1 
ATOM 306 H HZ3  . LYS A 1 19 ? -5.209  -3.034  -7.469  1.00 0.00 ? 19 LYS A HZ3  1 
ATOM 307 N N    . THR A 1 20 ? -0.862  0.035   -2.653  1.00 0.00 ? 20 THR A N    1 
ATOM 308 C CA   . THR A 1 20 ? -1.063  -0.824  -1.444  1.00 0.00 ? 20 THR A CA   1 
ATOM 309 C C    . THR A 1 20 ? -1.227  0.029   -0.188  1.00 0.00 ? 20 THR A C    1 
ATOM 310 O O    . THR A 1 20 ? -2.195  -0.108  0.525   1.00 0.00 ? 20 THR A O    1 
ATOM 311 C CB   . THR A 1 20 ? 0.101   -1.803  -1.276  1.00 0.00 ? 20 THR A CB   1 
ATOM 312 O OG1  . THR A 1 20 ? 1.325   -1.157  -1.594  1.00 0.00 ? 20 THR A OG1  1 
ATOM 313 C CG2  . THR A 1 20 ? -0.127  -2.985  -2.211  1.00 0.00 ? 20 THR A CG2  1 
ATOM 314 H H    . THR A 1 20 ? 0.040   0.169   -3.032  1.00 0.00 ? 20 THR A H    1 
ATOM 315 H HA   . THR A 1 20 ? -1.970  -1.394  -1.584  1.00 0.00 ? 20 THR A HA   1 
ATOM 316 H HB   . THR A 1 20 ? 0.131   -2.168  -0.257  1.00 0.00 ? 20 THR A HB   1 
ATOM 317 H HG1  . THR A 1 20 ? 1.837   -1.076  -0.787  1.00 0.00 ? 20 THR A HG1  1 
ATOM 318 H HG21 . THR A 1 20 ? -0.985  -2.782  -2.838  1.00 0.00 ? 20 THR A HG21 1 
ATOM 319 H HG22 . THR A 1 20 ? 0.744   -3.133  -2.826  1.00 0.00 ? 20 THR A HG22 1 
ATOM 320 H HG23 . THR A 1 20 ? -0.314  -3.873  -1.625  1.00 0.00 ? 20 THR A HG23 1 
ATOM 321 N N    . GLU A 1 21 ? -0.312  0.908   0.107   1.00 0.00 ? 21 GLU A N    1 
ATOM 322 C CA   . GLU A 1 21 ? -0.493  1.730   1.333   1.00 0.00 ? 21 GLU A CA   1 
ATOM 323 C C    . GLU A 1 21 ? -1.842  2.446   1.233   1.00 0.00 ? 21 GLU A C    1 
ATOM 324 O O    . GLU A 1 21 ? -2.645  2.420   2.152   1.00 0.00 ? 21 GLU A O    1 
ATOM 325 C CB   . GLU A 1 21 ? 0.643   2.753   1.465   1.00 0.00 ? 21 GLU A CB   1 
ATOM 326 C CG   . GLU A 1 21 ? 0.909   3.412   0.112   1.00 0.00 ? 21 GLU A CG   1 
ATOM 327 C CD   . GLU A 1 21 ? 0.420   4.861   0.143   1.00 0.00 ? 21 GLU A CD   1 
ATOM 328 O OE1  . GLU A 1 21 ? -0.737  5.069   0.474   1.00 0.00 ? 21 GLU A OE1  1 
ATOM 329 O OE2  . GLU A 1 21 ? 1.209   5.740   -0.165  1.00 0.00 ? 21 GLU A OE2  1 
ATOM 330 H H    . GLU A 1 21 ? 0.474   1.029   -0.465  1.00 0.00 ? 21 GLU A H    1 
ATOM 331 H HA   . GLU A 1 21 ? -0.496  1.082   2.198   1.00 0.00 ? 21 GLU A HA   1 
ATOM 332 H HB2  . GLU A 1 21 ? 0.365   3.508   2.185   1.00 0.00 ? 21 GLU A HB2  1 
ATOM 333 H HB3  . GLU A 1 21 ? 1.539   2.252   1.799   1.00 0.00 ? 21 GLU A HB3  1 
ATOM 334 H HG2  . GLU A 1 21 ? 1.970   3.392   -0.094  1.00 0.00 ? 21 GLU A HG2  1 
ATOM 335 H HG3  . GLU A 1 21 ? 0.385   2.874   -0.656  1.00 0.00 ? 21 GLU A HG3  1 
ATOM 336 N N    . THR A 1 22 ? -2.111  3.074   0.119   1.00 0.00 ? 22 THR A N    1 
ATOM 337 C CA   . THR A 1 22 ? -3.411  3.776   -0.023  1.00 0.00 ? 22 THR A CA   1 
ATOM 338 C C    . THR A 1 22 ? -4.558  2.755   -0.053  1.00 0.00 ? 22 THR A C    1 
ATOM 339 O O    . THR A 1 22 ? -5.649  3.036   0.397   1.00 0.00 ? 22 THR A O    1 
ATOM 340 C CB   . THR A 1 22 ? -3.435  4.613   -1.306  1.00 0.00 ? 22 THR A CB   1 
ATOM 341 O OG1  . THR A 1 22 ? -2.497  5.674   -1.193  1.00 0.00 ? 22 THR A OG1  1 
ATOM 342 C CG2  . THR A 1 22 ? -4.840  5.188   -1.500  1.00 0.00 ? 22 THR A CG2  1 
ATOM 343 H H    . THR A 1 22 ? -1.463  3.078   -0.618  1.00 0.00 ? 22 THR A H    1 
ATOM 344 H HA   . THR A 1 22 ? -3.540  4.432   0.826   1.00 0.00 ? 22 THR A HA   1 
ATOM 345 H HB   . THR A 1 22 ? -3.182  3.995   -2.153  1.00 0.00 ? 22 THR A HB   1 
ATOM 346 H HG1  . THR A 1 22 ? -2.526  6.184   -2.006  1.00 0.00 ? 22 THR A HG1  1 
ATOM 347 H HG21 . THR A 1 22 ? -5.171  5.650   -0.580  1.00 0.00 ? 22 THR A HG21 1 
ATOM 348 H HG22 . THR A 1 22 ? -4.824  5.926   -2.287  1.00 0.00 ? 22 THR A HG22 1 
ATOM 349 H HG23 . THR A 1 22 ? -5.521  4.393   -1.767  1.00 0.00 ? 22 THR A HG23 1 
ATOM 350 N N    . GLN A 1 23 ? -4.330  1.569   -0.571  1.00 0.00 ? 23 GLN A N    1 
ATOM 351 C CA   . GLN A 1 23 ? -5.433  0.560   -0.597  1.00 0.00 ? 23 GLN A CA   1 
ATOM 352 C C    . GLN A 1 23 ? -5.815  0.233   0.840   1.00 0.00 ? 23 GLN A C    1 
ATOM 353 O O    . GLN A 1 23 ? -6.913  0.502   1.269   1.00 0.00 ? 23 GLN A O    1 
ATOM 354 C CB   . GLN A 1 23 ? -4.976  -0.713  -1.315  1.00 0.00 ? 23 GLN A CB   1 
ATOM 355 C CG   . GLN A 1 23 ? -6.071  -1.779  -1.213  1.00 0.00 ? 23 GLN A CG   1 
ATOM 356 C CD   . GLN A 1 23 ? -6.988  -1.681  -2.434  1.00 0.00 ? 23 GLN A CD   1 
ATOM 357 O OE1  . GLN A 1 23 ? -6.733  -0.913  -3.341  1.00 0.00 ? 23 GLN A OE1  1 
ATOM 358 N NE2  . GLN A 1 23 ? -8.053  -2.433  -2.498  1.00 0.00 ? 23 GLN A NE2  1 
ATOM 359 H H    . GLN A 1 23 ? -3.445  1.341   -0.927  1.00 0.00 ? 23 GLN A H    1 
ATOM 360 H HA   . GLN A 1 23 ? -6.291  0.980   -1.107  1.00 0.00 ? 23 GLN A HA   1 
ATOM 361 H HB2  . GLN A 1 23 ? -4.792  -0.493  -2.355  1.00 0.00 ? 23 GLN A HB2  1 
ATOM 362 H HB3  . GLN A 1 23 ? -4.072  -1.084  -0.857  1.00 0.00 ? 23 GLN A HB3  1 
ATOM 363 H HG2  . GLN A 1 23 ? -5.618  -2.758  -1.179  1.00 0.00 ? 23 GLN A HG2  1 
ATOM 364 H HG3  . GLN A 1 23 ? -6.650  -1.617  -0.317  1.00 0.00 ? 23 GLN A HG3  1 
ATOM 365 H HE21 . GLN A 1 23 ? -8.259  -3.052  -1.766  1.00 0.00 ? 23 GLN A HE21 1 
ATOM 366 H HE22 . GLN A 1 23 ? -8.646  -2.378  -3.276  1.00 0.00 ? 23 GLN A HE22 1 
ATOM 367 N N    . GLU A 1 24 ? -4.915  -0.327  1.601   1.00 0.00 ? 24 GLU A N    1 
ATOM 368 C CA   . GLU A 1 24 ? -5.249  -0.625  3.021   1.00 0.00 ? 24 GLU A CA   1 
ATOM 369 C C    . GLU A 1 24 ? -5.894  0.625   3.627   1.00 0.00 ? 24 GLU A C    1 
ATOM 370 O O    . GLU A 1 24 ? -6.810  0.542   4.421   1.00 0.00 ? 24 GLU A O    1 
ATOM 371 C CB   . GLU A 1 24 ? -3.972  -0.973  3.789   1.00 0.00 ? 24 GLU A CB   1 
ATOM 372 C CG   . GLU A 1 24 ? -4.131  -2.345  4.447   1.00 0.00 ? 24 GLU A CG   1 
ATOM 373 C CD   . GLU A 1 24 ? -3.540  -3.420  3.535   1.00 0.00 ? 24 GLU A CD   1 
ATOM 374 O OE1  . GLU A 1 24 ? -3.222  -3.100  2.402   1.00 0.00 ? 24 GLU A OE1  1 
ATOM 375 O OE2  . GLU A 1 24 ? -3.415  -4.548  3.985   1.00 0.00 ? 24 GLU A OE2  1 
ATOM 376 H H    . GLU A 1 24 ? -4.023  -0.535  1.245   1.00 0.00 ? 24 GLU A H    1 
ATOM 377 H HA   . GLU A 1 24 ? -5.943  -1.453  3.072   1.00 0.00 ? 24 GLU A HA   1 
ATOM 378 H HB2  . GLU A 1 24 ? -3.135  -0.995  3.106   1.00 0.00 ? 24 GLU A HB2  1 
ATOM 379 H HB3  . GLU A 1 24 ? -3.796  -0.229  4.551   1.00 0.00 ? 24 GLU A HB3  1 
ATOM 380 H HG2  . GLU A 1 24 ? -3.613  -2.351  5.396   1.00 0.00 ? 24 GLU A HG2  1 
ATOM 381 H HG3  . GLU A 1 24 ? -5.178  -2.548  4.607   1.00 0.00 ? 24 GLU A HG3  1 
ATOM 382 N N    . LYS A 1 25 ? -5.419  1.786   3.249   1.00 0.00 ? 25 LYS A N    1 
ATOM 383 C CA   . LYS A 1 25 ? -6.003  3.050   3.793   1.00 0.00 ? 25 LYS A CA   1 
ATOM 384 C C    . LYS A 1 25 ? -7.498  3.141   3.449   1.00 0.00 ? 25 LYS A C    1 
ATOM 385 O O    . LYS A 1 25 ? -8.306  3.548   4.260   1.00 0.00 ? 25 LYS A O    1 
ATOM 386 C CB   . LYS A 1 25 ? -5.257  4.255   3.202   1.00 0.00 ? 25 LYS A CB   1 
ATOM 387 C CG   . LYS A 1 25 ? -6.025  5.541   3.517   1.00 0.00 ? 25 LYS A CG   1 
ATOM 388 C CD   . LYS A 1 25 ? -6.252  5.644   5.027   1.00 0.00 ? 25 LYS A CD   1 
ATOM 389 C CE   . LYS A 1 25 ? -6.634  7.080   5.387   1.00 0.00 ? 25 LYS A CE   1 
ATOM 390 N NZ   . LYS A 1 25 ? -5.402  7.861   5.691   1.00 0.00 ? 25 LYS A NZ   1 
ATOM 391 H H    . LYS A 1 25 ? -4.674  1.827   2.605   1.00 0.00 ? 25 LYS A H    1 
ATOM 392 H HA   . LYS A 1 25 ? -5.892  3.063   4.855   1.00 0.00 ? 25 LYS A HA   1 
ATOM 393 H HB2  . LYS A 1 25 ? -4.268  4.313   3.636   1.00 0.00 ? 25 LYS A HB2  1 
ATOM 394 H HB3  . LYS A 1 25 ? -5.173  4.141   2.133   1.00 0.00 ? 25 LYS A HB3  1 
ATOM 395 H HG2  . LYS A 1 25 ? -5.451  6.393   3.181   1.00 0.00 ? 25 LYS A HG2  1 
ATOM 396 H HG3  . LYS A 1 25 ? -6.979  5.528   3.012   1.00 0.00 ? 25 LYS A HG3  1 
ATOM 397 H HD2  . LYS A 1 25 ? -7.048  4.974   5.317   1.00 0.00 ? 25 LYS A HD2  1 
ATOM 398 H HD3  . LYS A 1 25 ? -5.345  5.373   5.547   1.00 0.00 ? 25 LYS A HD3  1 
ATOM 399 H HE2  . LYS A 1 25 ? -7.152  7.535   4.555   1.00 0.00 ? 25 LYS A HE2  1 
ATOM 400 H HE3  . LYS A 1 25 ? -7.280  7.076   6.253   1.00 0.00 ? 25 LYS A HE3  1 
ATOM 401 H HZ1  . LYS A 1 25 ? -4.578  7.227   5.686   1.00 0.00 ? 25 LYS A HZ1  1 
ATOM 402 H HZ2  . LYS A 1 25 ? -5.273  8.599   4.970   1.00 0.00 ? 25 LYS A HZ2  1 
ATOM 403 H HZ3  . LYS A 1 25 ? -5.495  8.303   6.628   1.00 0.00 ? 25 LYS A HZ3  1 
ATOM 404 N N    . ASN A 1 26 ? -7.865  2.788   2.250   1.00 0.00 ? 26 ASN A N    1 
ATOM 405 C CA   . ASN A 1 26 ? -9.296  2.870   1.833   1.00 0.00 ? 26 ASN A CA   1 
ATOM 406 C C    . ASN A 1 26 ? -10.088 1.674   2.372   1.00 0.00 ? 26 ASN A C    1 
ATOM 407 O O    . ASN A 1 26 ? -11.294 1.735   2.503   1.00 0.00 ? 26 ASN A O    1 
ATOM 408 C CB   . ASN A 1 26 ? -9.379  2.954   0.297   1.00 0.00 ? 26 ASN A CB   1 
ATOM 409 C CG   . ASN A 1 26 ? -8.123  3.657   -0.220  1.00 0.00 ? 26 ASN A CG   1 
ATOM 410 O OD1  . ASN A 1 26 ? -7.660  3.387   -1.311  1.00 0.00 ? 26 ASN A OD1  1 
ATOM 411 N ND2  . ASN A 1 26 ? -7.549  4.558   0.534   1.00 0.00 ? 26 ASN A ND2  1 
ATOM 412 H H    . ASN A 1 26 ? -7.199  2.477   1.608   1.00 0.00 ? 26 ASN A H    1 
ATOM 413 H HA   . ASN A 1 26 ? -9.720  3.768   2.252   1.00 0.00 ? 26 ASN A HA   1 
ATOM 414 H HB2  . ASN A 1 26 ? -9.444  1.963   -0.133  1.00 0.00 ? 26 ASN A HB2  1 
ATOM 415 H HB3  . ASN A 1 26 ? -10.248 3.527   0.014   1.00 0.00 ? 26 ASN A HB3  1 
ATOM 416 H HD21 . ASN A 1 26 ? -7.930  4.778   1.404   1.00 0.00 ? 26 ASN A HD21 1 
ATOM 417 H HD22 . ASN A 1 26 ? -6.729  4.992   0.245   1.00 0.00 ? 26 ASN A HD22 1 
ATOM 418 N N    . THR A 1 27 ? -9.433  0.588   2.679   1.00 0.00 ? 27 THR A N    1 
ATOM 419 C CA   . THR A 1 27 ? -10.171 -0.593  3.201   1.00 0.00 ? 27 THR A CA   1 
ATOM 420 C C    . THR A 1 27 ? -10.534 -0.354  4.659   1.00 0.00 ? 27 THR A C    1 
ATOM 421 O O    . THR A 1 27 ? -11.546 -0.813  5.149   1.00 0.00 ? 27 THR A O    1 
ATOM 422 C CB   . THR A 1 27 ? -9.296  -1.842  3.084   1.00 0.00 ? 27 THR A CB   1 
ATOM 423 O OG1  . THR A 1 27 ? -8.577  -1.799  1.860   1.00 0.00 ? 27 THR A OG1  1 
ATOM 424 C CG2  . THR A 1 27 ? -10.176 -3.092  3.119   1.00 0.00 ? 27 THR A CG2  1 
ATOM 425 H H    . THR A 1 27 ? -8.460  0.550   2.578   1.00 0.00 ? 27 THR A H    1 
ATOM 426 H HA   . THR A 1 27 ? -11.068 -0.726  2.635   1.00 0.00 ? 27 THR A HA   1 
ATOM 427 H HB   . THR A 1 27 ? -8.601  -1.872  3.909   1.00 0.00 ? 27 THR A HB   1 
ATOM 428 H HG1  . THR A 1 27 ? -7.705  -1.441  2.039   1.00 0.00 ? 27 THR A HG1  1 
ATOM 429 H HG21 . THR A 1 27 ? -11.179 -2.818  3.412   1.00 0.00 ? 27 THR A HG21 1 
ATOM 430 H HG22 . THR A 1 27 ? -10.198 -3.544  2.138   1.00 0.00 ? 27 THR A HG22 1 
ATOM 431 H HG23 . THR A 1 27 ? -9.774  -3.797  3.831   1.00 0.00 ? 27 THR A HG23 1 
ATOM 432 N N    . LEU A 1 28 ? -9.704  0.355   5.349   1.00 0.00 ? 28 LEU A N    1 
ATOM 433 C CA   . LEU A 1 28 ? -9.964  0.636   6.782   1.00 0.00 ? 28 LEU A CA   1 
ATOM 434 C C    . LEU A 1 28 ? -9.889  2.151   7.032   1.00 0.00 ? 28 LEU A C    1 
ATOM 435 O O    . LEU A 1 28 ? -9.088  2.581   7.839   1.00 0.00 ? 28 LEU A O    1 
ATOM 436 C CB   . LEU A 1 28 ? -8.887  -0.058  7.632   1.00 0.00 ? 28 LEU A CB   1 
ATOM 437 C CG   . LEU A 1 28 ? -8.275  -1.239  6.863   1.00 0.00 ? 28 LEU A CG   1 
ATOM 438 C CD1  . LEU A 1 28 ? -6.963  -1.659  7.523   1.00 0.00 ? 28 LEU A CD1  1 
ATOM 439 C CD2  . LEU A 1 28 ? -9.253  -2.417  6.875   1.00 0.00 ? 28 LEU A CD2  1 
ATOM 440 H H    . LEU A 1 28 ? -8.893  0.696   4.923   1.00 0.00 ? 28 LEU A H    1 
ATOM 441 H HA   . LEU A 1 28 ? -10.933 0.256   7.064   1.00 0.00 ? 28 LEU A HA   1 
ATOM 442 H HB2  . LEU A 1 28 ? -8.109  0.653   7.873   1.00 0.00 ? 28 LEU A HB2  1 
ATOM 443 H HB3  . LEU A 1 28 ? -9.332  -0.421  8.547   1.00 0.00 ? 28 LEU A HB3  1 
ATOM 444 H HG   . LEU A 1 28 ? -8.078  -0.944  5.844   1.00 0.00 ? 28 LEU A HG   1 
ATOM 445 H HD11 . LEU A 1 28 ? -6.669  -0.916  8.248   1.00 0.00 ? 28 LEU A HD11 1 
ATOM 446 H HD12 . LEU A 1 28 ? -7.096  -2.612  8.014   1.00 0.00 ? 28 LEU A HD12 1 
ATOM 447 H HD13 . LEU A 1 28 ? -6.195  -1.748  6.768   1.00 0.00 ? 28 LEU A HD13 1 
ATOM 448 H HD21 . LEU A 1 28 ? -10.115 -2.164  7.477   1.00 0.00 ? 28 LEU A HD21 1 
ATOM 449 H HD22 . LEU A 1 28 ? -9.571  -2.631  5.866   1.00 0.00 ? 28 LEU A HD22 1 
ATOM 450 H HD23 . LEU A 1 28 ? -8.766  -3.285  7.292   1.00 0.00 ? 28 LEU A HD23 1 
ATOM 451 N N    . PRO A 1 29 ? -10.701 2.941   6.343   1.00 0.00 ? 29 PRO A N    1 
ATOM 452 C CA   . PRO A 1 29 ? -10.670 4.406   6.523   1.00 0.00 ? 29 PRO A CA   1 
ATOM 453 C C    . PRO A 1 29 ? -11.505 4.822   7.735   1.00 0.00 ? 29 PRO A C    1 
ATOM 454 O O    . PRO A 1 29 ? -11.953 5.946   7.832   1.00 0.00 ? 29 PRO A O    1 
ATOM 455 C CB   . PRO A 1 29 ? -11.308 4.942   5.244   1.00 0.00 ? 29 PRO A CB   1 
ATOM 456 C CG   . PRO A 1 29 ? -12.184 3.798   4.684   1.00 0.00 ? 29 PRO A CG   1 
ATOM 457 C CD   . PRO A 1 29 ? -11.701 2.491   5.330   1.00 0.00 ? 29 PRO A CD   1 
ATOM 458 H HA   . PRO A 1 29 ? -9.657  4.764   6.610   1.00 0.00 ? 29 PRO A HA   1 
ATOM 459 H HB2  . PRO A 1 29 ? -11.917 5.807   5.468   1.00 0.00 ? 29 PRO A HB2  1 
ATOM 460 H HB3  . PRO A 1 29 ? -10.543 5.198   4.527   1.00 0.00 ? 29 PRO A HB3  1 
ATOM 461 H HG2  . PRO A 1 29 ? -13.221 3.974   4.930   1.00 0.00 ? 29 PRO A HG2  1 
ATOM 462 H HG3  . PRO A 1 29 ? -12.063 3.737   3.624   1.00 0.00 ? 29 PRO A HG3  1 
ATOM 463 H HD2  . PRO A 1 29 ? -12.541 1.987   5.783   1.00 0.00 ? 29 PRO A HD2  1 
ATOM 464 H HD3  . PRO A 1 29 ? -11.244 1.865   4.592   1.00 0.00 ? 29 PRO A HD3  1 
ATOM 465 N N    . THR A 1 30 ? -11.715 3.926   8.657   1.00 0.00 ? 30 THR A N    1 
ATOM 466 C CA   . THR A 1 30 ? -12.528 4.275   9.868   1.00 0.00 ? 30 THR A CA   1 
ATOM 467 C C    . THR A 1 30 ? -12.986 3.011   10.596  1.00 0.00 ? 30 THR A C    1 
ATOM 468 O O    . THR A 1 30 ? -12.738 2.845   11.769  1.00 0.00 ? 30 THR A O    1 
ATOM 469 C CB   . THR A 1 30 ? -13.763 5.080   9.464   1.00 0.00 ? 30 THR A CB   1 
ATOM 470 O OG1  . THR A 1 30 ? -14.022 4.910   8.077   1.00 0.00 ? 30 THR A OG1  1 
ATOM 471 C CG2  . THR A 1 30 ? -13.512 6.551   9.770   1.00 0.00 ? 30 THR A CG2  1 
ATOM 472 H H    . THR A 1 30 ? -11.334 3.031   8.555   1.00 0.00 ? 30 THR A H    1 
ATOM 473 H HA   . THR A 1 30 ? -11.924 4.868   10.539  1.00 0.00 ? 30 THR A HA   1 
ATOM 474 H HB   . THR A 1 30 ? -14.615 4.742   10.033  1.00 0.00 ? 30 THR A HB   1 
ATOM 475 H HG1  . THR A 1 30 ? -14.532 4.104   7.967   1.00 0.00 ? 30 THR A HG1  1 
ATOM 476 H HG21 . THR A 1 30 ? -12.593 6.646   10.331  1.00 0.00 ? 30 THR A HG21 1 
ATOM 477 H HG22 . THR A 1 30 ? -13.429 7.101   8.846   1.00 0.00 ? 30 THR A HG22 1 
ATOM 478 H HG23 . THR A 1 30 ? -14.333 6.940   10.352  1.00 0.00 ? 30 THR A HG23 1 
ATOM 479 N N    . LYS A 1 31 ? -13.665 2.124   9.920   1.00 0.00 ? 31 LYS A N    1 
ATOM 480 C CA   . LYS A 1 31 ? -14.143 0.879   10.589  1.00 0.00 ? 31 LYS A CA   1 
ATOM 481 C C    . LYS A 1 31 ? -13.010 0.238   11.406  1.00 0.00 ? 31 LYS A C    1 
ATOM 482 O O    . LYS A 1 31 ? -13.249 -0.590  12.259  1.00 0.00 ? 31 LYS A O    1 
ATOM 483 C CB   . LYS A 1 31 ? -14.625 -0.108  9.525   1.00 0.00 ? 31 LYS A CB   1 
ATOM 484 C CG   . LYS A 1 31 ? -15.471 0.638   8.489   1.00 0.00 ? 31 LYS A CG   1 
ATOM 485 C CD   . LYS A 1 31 ? -16.315 -0.363  7.698   1.00 0.00 ? 31 LYS A CD   1 
ATOM 486 C CE   . LYS A 1 31 ? -17.700 0.232   7.438   1.00 0.00 ? 31 LYS A CE   1 
ATOM 487 N NZ   . LYS A 1 31 ? -18.347 -0.491  6.306   1.00 0.00 ? 31 LYS A NZ   1 
ATOM 488 H H    . LYS A 1 31 ? -13.872 2.278   8.975   1.00 0.00 ? 31 LYS A H    1 
ATOM 489 H HA   . LYS A 1 31 ? -14.963 1.122   11.247  1.00 0.00 ? 31 LYS A HA   1 
ATOM 490 H HB2  . LYS A 1 31 ? -13.771 -0.559  9.039   1.00 0.00 ? 31 LYS A HB2  1 
ATOM 491 H HB3  . LYS A 1 31 ? -15.224 -0.876  9.990   1.00 0.00 ? 31 LYS A HB3  1 
ATOM 492 H HG2  . LYS A 1 31 ? -16.120 1.339   8.992   1.00 0.00 ? 31 LYS A HG2  1 
ATOM 493 H HG3  . LYS A 1 31 ? -14.822 1.171   7.810   1.00 0.00 ? 31 LYS A HG3  1 
ATOM 494 H HD2  . LYS A 1 31 ? -15.830 -0.578  6.757   1.00 0.00 ? 31 LYS A HD2  1 
ATOM 495 H HD3  . LYS A 1 31 ? -16.417 -1.274  8.267   1.00 0.00 ? 31 LYS A HD3  1 
ATOM 496 H HE2  . LYS A 1 31 ? -18.308 0.130   8.323   1.00 0.00 ? 31 LYS A HE2  1 
ATOM 497 H HE3  . LYS A 1 31 ? -17.601 1.278   7.187   1.00 0.00 ? 31 LYS A HE3  1 
ATOM 498 H HZ1  . LYS A 1 31 ? -17.756 -0.400  5.454   1.00 0.00 ? 31 LYS A HZ1  1 
ATOM 499 H HZ2  . LYS A 1 31 ? -18.453 -1.495  6.550   1.00 0.00 ? 31 LYS A HZ2  1 
ATOM 500 H HZ3  . LYS A 1 31 ? -19.284 -0.080  6.123   1.00 0.00 ? 31 LYS A HZ3  1 
ATOM 501 N N    . GLU A 1 32 ? -11.780 0.605   11.152  1.00 0.00 ? 32 GLU A N    1 
ATOM 502 C CA   . GLU A 1 32 ? -10.648 0.002   11.919  1.00 0.00 ? 32 GLU A CA   1 
ATOM 503 C C    . GLU A 1 32 ? -10.923 0.095   13.427  1.00 0.00 ? 32 GLU A C    1 
ATOM 504 O O    . GLU A 1 32 ? -10.631 -0.815  14.177  1.00 0.00 ? 32 GLU A O    1 
ATOM 505 C CB   . GLU A 1 32 ? -9.357  0.758   11.595  1.00 0.00 ? 32 GLU A CB   1 
ATOM 506 C CG   . GLU A 1 32 ? -8.195  -0.232  11.496  1.00 0.00 ? 32 GLU A CG   1 
ATOM 507 C CD   . GLU A 1 32 ? -6.917  0.424   12.025  1.00 0.00 ? 32 GLU A CD   1 
ATOM 508 O OE1  . GLU A 1 32 ? -6.990  1.071   13.056  1.00 0.00 ? 32 GLU A OE1  1 
ATOM 509 O OE2  . GLU A 1 32 ? -5.887  0.267   11.390  1.00 0.00 ? 32 GLU A OE2  1 
ATOM 510 H H    . GLU A 1 32 ? -11.599 1.271   10.454  1.00 0.00 ? 32 GLU A H    1 
ATOM 511 H HA   . GLU A 1 32 ? -10.536 -1.034  11.639  1.00 0.00 ? 32 GLU A HA   1 
ATOM 512 H HB2  . GLU A 1 32 ? -9.472  1.276   10.654  1.00 0.00 ? 32 GLU A HB2  1 
ATOM 513 H HB3  . GLU A 1 32 ? -9.152  1.473   12.377  1.00 0.00 ? 32 GLU A HB3  1 
ATOM 514 H HG2  . GLU A 1 32 ? -8.419  -1.111  12.082  1.00 0.00 ? 32 GLU A HG2  1 
ATOM 515 H HG3  . GLU A 1 32 ? -8.050  -0.515  10.464  1.00 0.00 ? 32 GLU A HG3  1 
ATOM 516 N N    . THR A 1 33 ? -11.471 1.193   13.870  1.00 0.00 ? 33 THR A N    1 
ATOM 517 C CA   . THR A 1 33 ? -11.765 1.378   15.325  1.00 0.00 ? 33 THR A CA   1 
ATOM 518 C C    . THR A 1 33 ? -12.226 0.063   15.965  1.00 0.00 ? 33 THR A C    1 
ATOM 519 O O    . THR A 1 33 ? -11.914 -0.225  17.104  1.00 0.00 ? 33 THR A O    1 
ATOM 520 C CB   . THR A 1 33 ? -12.883 2.407   15.475  1.00 0.00 ? 33 THR A CB   1 
ATOM 521 O OG1  . THR A 1 33 ? -13.028 2.749   16.847  1.00 0.00 ? 33 THR A OG1  1 
ATOM 522 C CG2  . THR A 1 33 ? -14.186 1.804   14.954  1.00 0.00 ? 33 THR A CG2  1 
ATOM 523 H H    . THR A 1 33 ? -11.683 1.910   13.243  1.00 0.00 ? 33 THR A H    1 
ATOM 524 H HA   . THR A 1 33 ? -10.882 1.738   15.828  1.00 0.00 ? 33 THR A HA   1 
ATOM 525 H HB   . THR A 1 33 ? -12.643 3.290   14.904  1.00 0.00 ? 33 THR A HB   1 
ATOM 526 H HG1  . THR A 1 33 ? -12.707 3.645   16.964  1.00 0.00 ? 33 THR A HG1  1 
ATOM 527 H HG21 . THR A 1 33 ? -14.024 1.397   13.967  1.00 0.00 ? 33 THR A HG21 1 
ATOM 528 H HG22 . THR A 1 33 ? -14.507 1.015   15.620  1.00 0.00 ? 33 THR A HG22 1 
ATOM 529 H HG23 . THR A 1 33 ? -14.945 2.569   14.910  1.00 0.00 ? 33 THR A HG23 1 
ATOM 530 N N    . ILE A 1 34 ? -12.985 -0.724  15.255  1.00 0.00 ? 34 ILE A N    1 
ATOM 531 C CA   . ILE A 1 34 ? -13.488 -2.001  15.839  1.00 0.00 ? 34 ILE A CA   1 
ATOM 532 C C    . ILE A 1 34 ? -12.333 -2.982  16.086  1.00 0.00 ? 34 ILE A C    1 
ATOM 533 O O    . ILE A 1 34 ? -12.242 -3.578  17.139  1.00 0.00 ? 34 ILE A O    1 
ATOM 534 C CB   . ILE A 1 34 ? -14.515 -2.619  14.886  1.00 0.00 ? 34 ILE A CB   1 
ATOM 535 C CG1  . ILE A 1 34 ? -15.441 -3.553  15.669  1.00 0.00 ? 34 ILE A CG1  1 
ATOM 536 C CG2  . ILE A 1 34 ? -13.809 -3.410  13.788  1.00 0.00 ? 34 ILE A CG2  1 
ATOM 537 C CD1  . ILE A 1 34 ? -14.606 -4.600  16.409  1.00 0.00 ? 34 ILE A CD1  1 
ATOM 538 H H    . ILE A 1 34 ? -13.242 -0.466  14.346  1.00 0.00 ? 34 ILE A H    1 
ATOM 539 H HA   . ILE A 1 34 ? -13.971 -1.787  16.781  1.00 0.00 ? 34 ILE A HA   1 
ATOM 540 H HB   . ILE A 1 34 ? -15.097 -1.831  14.436  1.00 0.00 ? 34 ILE A HB   1 
ATOM 541 H HG12 . ILE A 1 34 ? -16.014 -2.977  16.382  1.00 0.00 ? 34 ILE A HG12 1 
ATOM 542 H HG13 . ILE A 1 34 ? -16.111 -4.049  14.985  1.00 0.00 ? 34 ILE A HG13 1 
ATOM 543 H HG21 . ILE A 1 34 ? -13.210 -4.188  14.235  1.00 0.00 ? 34 ILE A HG21 1 
ATOM 544 H HG22 . ILE A 1 34 ? -14.546 -3.852  13.134  1.00 0.00 ? 34 ILE A HG22 1 
ATOM 545 H HG23 . ILE A 1 34 ? -13.175 -2.746  13.220  1.00 0.00 ? 34 ILE A HG23 1 
ATOM 546 H HD11 . ILE A 1 34 ? -13.736 -4.848  15.820  1.00 0.00 ? 34 ILE A HD11 1 
ATOM 547 H HD12 . ILE A 1 34 ? -14.292 -4.200  17.363  1.00 0.00 ? 34 ILE A HD12 1 
ATOM 548 H HD13 . ILE A 1 34 ? -15.200 -5.487  16.568  1.00 0.00 ? 34 ILE A HD13 1 
ATOM 549 N N    . GLU A 1 35 ? -11.457 -3.166  15.134  1.00 0.00 ? 35 GLU A N    1 
ATOM 550 C CA   . GLU A 1 35 ? -10.329 -4.121  15.349  1.00 0.00 ? 35 GLU A CA   1 
ATOM 551 C C    . GLU A 1 35 ? -9.386  -3.554  16.408  1.00 0.00 ? 35 GLU A C    1 
ATOM 552 O O    . GLU A 1 35 ? -8.782  -4.275  17.179  1.00 0.00 ? 35 GLU A O    1 
ATOM 553 C CB   . GLU A 1 35 ? -9.565  -4.313  14.038  1.00 0.00 ? 35 GLU A CB   1 
ATOM 554 C CG   . GLU A 1 35 ? -10.136 -5.514  13.282  1.00 0.00 ? 35 GLU A CG   1 
ATOM 555 C CD   . GLU A 1 35 ? -9.263  -5.810  12.062  1.00 0.00 ? 35 GLU A CD   1 
ATOM 556 O OE1  . GLU A 1 35 ? -8.064  -5.953  12.237  1.00 0.00 ? 35 GLU A OE1  1 
ATOM 557 O OE2  . GLU A 1 35 ? -9.808  -5.888  10.973  1.00 0.00 ? 35 GLU A OE2  1 
ATOM 558 H H    . GLU A 1 35 ? -11.539 -2.684  14.284  1.00 0.00 ? 35 GLU A H    1 
ATOM 559 H HA   . GLU A 1 35 ? -10.718 -5.072  15.683  1.00 0.00 ? 35 GLU A HA   1 
ATOM 560 H HB2  . GLU A 1 35 ? -9.665  -3.424  13.430  1.00 0.00 ? 35 GLU A HB2  1 
ATOM 561 H HB3  . GLU A 1 35 ? -8.521  -4.488  14.251  1.00 0.00 ? 35 GLU A HB3  1 
ATOM 562 H HG2  . GLU A 1 35 ? -10.150 -6.375  13.935  1.00 0.00 ? 35 GLU A HG2  1 
ATOM 563 H HG3  . GLU A 1 35 ? -11.142 -5.292  12.958  1.00 0.00 ? 35 GLU A HG3  1 
ATOM 564 N N    . GLN A 1 36 ? -9.265  -2.261  16.448  1.00 0.00 ? 36 GLN A N    1 
ATOM 565 C CA   . GLN A 1 36 ? -8.374  -1.607  17.446  1.00 0.00 ? 36 GLN A CA   1 
ATOM 566 C C    . GLN A 1 36 ? -9.064  -1.586  18.790  1.00 0.00 ? 36 GLN A C    1 
ATOM 567 O O    . GLN A 1 36 ? -8.437  -1.498  19.823  1.00 0.00 ? 36 GLN A O    1 
ATOM 568 C CB   . GLN A 1 36 ? -8.003  -0.182  17.004  1.00 0.00 ? 36 GLN A CB   1 
ATOM 569 C CG   . GLN A 1 36 ? -8.896  0.262   15.838  1.00 0.00 ? 36 GLN A CG   1 
ATOM 570 C CD   . GLN A 1 36 ? -8.544  1.693   15.414  1.00 0.00 ? 36 GLN A CD   1 
ATOM 571 O OE1  . GLN A 1 36 ? -9.157  2.234   14.516  1.00 0.00 ? 36 GLN A OE1  1 
ATOM 572 N NE2  . GLN A 1 36 ? -7.580  2.333   16.022  1.00 0.00 ? 36 GLN A NE2  1 
ATOM 573 H H    . GLN A 1 36 ? -9.770  -1.714  15.821  1.00 0.00 ? 36 GLN A H    1 
ATOM 574 H HA   . GLN A 1 36 ? -7.495  -2.199  17.549  1.00 0.00 ? 36 GLN A HA   1 
ATOM 575 H HB2  . GLN A 1 36 ? -8.137  0.496   17.835  1.00 0.00 ? 36 GLN A HB2  1 
ATOM 576 H HB3  . GLN A 1 36 ? -6.970  -0.162  16.690  1.00 0.00 ? 36 GLN A HB3  1 
ATOM 577 H HG2  . GLN A 1 36 ? -8.757  -0.411  14.999  1.00 0.00 ? 36 GLN A HG2  1 
ATOM 578 H HG3  . GLN A 1 36 ? -9.928  0.219   16.148  1.00 0.00 ? 36 GLN A HG3  1 
ATOM 579 H HE21 . GLN A 1 36 ? -7.081  1.904   16.746  1.00 0.00 ? 36 GLN A HE21 1 
ATOM 580 H HE22 . GLN A 1 36 ? -7.356  3.248   15.750  1.00 0.00 ? 36 GLN A HE22 1 
ATOM 581 N N    . GLU A 1 37 ? -10.347 -1.680  18.780  1.00 0.00 ? 37 GLU A N    1 
ATOM 582 C CA   . GLU A 1 37 ? -11.097 -1.701  20.058  1.00 0.00 ? 37 GLU A CA   1 
ATOM 583 C C    . GLU A 1 37 ? -10.916 -3.088  20.661  1.00 0.00 ? 37 GLU A C    1 
ATOM 584 O O    . GLU A 1 37 ? -10.595 -3.239  21.825  1.00 0.00 ? 37 GLU A O    1 
ATOM 585 C CB   . GLU A 1 37 ? -12.582 -1.429  19.800  1.00 0.00 ? 37 GLU A CB   1 
ATOM 586 C CG   . GLU A 1 37 ? -12.891 0.040   20.097  1.00 0.00 ? 37 GLU A CG   1 
ATOM 587 C CD   . GLU A 1 37 ? -13.952 0.127   21.197  1.00 0.00 ? 37 GLU A CD   1 
ATOM 588 O OE1  . GLU A 1 37 ? -13.715 -0.412  22.265  1.00 0.00 ? 37 GLU A OE1  1 
ATOM 589 O OE2  . GLU A 1 37 ? -14.984 0.729   20.950  1.00 0.00 ? 37 GLU A OE2  1 
ATOM 590 H H    . GLU A 1 37 ? -10.809 -1.763  17.929  1.00 0.00 ? 37 GLU A H    1 
ATOM 591 H HA   . GLU A 1 37 ? -10.690 -0.960  20.730  1.00 0.00 ? 37 GLU A HA   1 
ATOM 592 H HB2  . GLU A 1 37 ? -12.813 -1.646  18.768  1.00 0.00 ? 37 GLU A HB2  1 
ATOM 593 H HB3  . GLU A 1 37 ? -13.179 -2.057  20.443  1.00 0.00 ? 37 GLU A HB3  1 
ATOM 594 H HG2  . GLU A 1 37 ? -11.992 0.540   20.423  1.00 0.00 ? 37 GLU A HG2  1 
ATOM 595 H HG3  . GLU A 1 37 ? -13.264 0.517   19.203  1.00 0.00 ? 37 GLU A HG3  1 
ATOM 596 N N    . LYS A 1 38 ? -11.081 -4.109  19.863  1.00 0.00 ? 38 LYS A N    1 
ATOM 597 C CA   . LYS A 1 38 ? -10.875 -5.483  20.380  1.00 0.00 ? 38 LYS A CA   1 
ATOM 598 C C    . LYS A 1 38 ? -9.410  -5.604  20.794  1.00 0.00 ? 38 LYS A C    1 
ATOM 599 O O    . LYS A 1 38 ? -9.083  -6.211  21.794  1.00 0.00 ? 38 LYS A O    1 
ATOM 600 C CB   . LYS A 1 38 ? -11.191 -6.507  19.289  1.00 0.00 ? 38 LYS A CB   1 
ATOM 601 C CG   . LYS A 1 38 ? -11.119 -7.918  19.877  1.00 0.00 ? 38 LYS A CG   1 
ATOM 602 C CD   . LYS A 1 38 ? -12.433 -8.652  19.605  1.00 0.00 ? 38 LYS A CD   1 
ATOM 603 C CE   . LYS A 1 38 ? -12.325 -10.097 20.099  1.00 0.00 ? 38 LYS A CE   1 
ATOM 604 N NZ   . LYS A 1 38 ? -13.616 -10.802 19.855  1.00 0.00 ? 38 LYS A NZ   1 
ATOM 605 H H    . LYS A 1 38 ? -11.311 -3.966  18.918  1.00 0.00 ? 38 LYS A H    1 
ATOM 606 H HA   . LYS A 1 38 ? -11.512 -5.650  21.238  1.00 0.00 ? 38 LYS A HA   1 
ATOM 607 H HB2  . LYS A 1 38 ? -12.184 -6.326  18.903  1.00 0.00 ? 38 LYS A HB2  1 
ATOM 608 H HB3  . LYS A 1 38 ? -10.472 -6.415  18.489  1.00 0.00 ? 38 LYS A HB3  1 
ATOM 609 H HG2  . LYS A 1 38 ? -10.302 -8.457  19.418  1.00 0.00 ? 38 LYS A HG2  1 
ATOM 610 H HG3  . LYS A 1 38 ? -10.957 -7.857  20.942  1.00 0.00 ? 38 LYS A HG3  1 
ATOM 611 H HD2  . LYS A 1 38 ? -13.238 -8.154  20.125  1.00 0.00 ? 38 LYS A HD2  1 
ATOM 612 H HD3  . LYS A 1 38 ? -12.634 -8.652  18.545  1.00 0.00 ? 38 LYS A HD3  1 
ATOM 613 H HE2  . LYS A 1 38 ? -11.533 -10.602 19.566  1.00 0.00 ? 38 LYS A HE2  1 
ATOM 614 H HE3  . LYS A 1 38 ? -12.107 -10.102 21.157  1.00 0.00 ? 38 LYS A HE3  1 
ATOM 615 H HZ1  . LYS A 1 38 ? -14.178 -10.268 19.163  1.00 0.00 ? 38 LYS A HZ1  1 
ATOM 616 H HZ2  . LYS A 1 38 ? -13.427 -11.755 19.483  1.00 0.00 ? 38 LYS A HZ2  1 
ATOM 617 H HZ3  . LYS A 1 38 ? -14.144 -10.877 20.749  1.00 0.00 ? 38 LYS A HZ3  1 
ATOM 618 N N    . GLN A 1 39 ? -8.524  -5.007  20.035  1.00 0.00 ? 39 GLN A N    1 
ATOM 619 C CA   . GLN A 1 39 ? -7.082  -5.067  20.394  1.00 0.00 ? 39 GLN A CA   1 
ATOM 620 C C    . GLN A 1 39 ? -6.818  -4.101  21.538  1.00 0.00 ? 39 GLN A C    1 
ATOM 621 O O    . GLN A 1 39 ? -5.879  -4.242  22.297  1.00 0.00 ? 39 GLN A O    1 
ATOM 622 C CB   . GLN A 1 39 ? -6.228  -4.689  19.183  1.00 0.00 ? 39 GLN A CB   1 
ATOM 623 C CG   . GLN A 1 39 ? -4.929  -5.497  19.203  1.00 0.00 ? 39 GLN A CG   1 
ATOM 624 C CD   . GLN A 1 39 ? -3.803  -4.640  19.780  1.00 0.00 ? 39 GLN A CD   1 
ATOM 625 O OE1  . GLN A 1 39 ? -3.730  -3.455  19.520  1.00 0.00 ? 39 GLN A OE1  1 
ATOM 626 N NE2  . GLN A 1 39 ? -2.914  -5.191  20.562  1.00 0.00 ? 39 GLN A NE2  1 
ATOM 627 H H    . GLN A 1 39 ? -8.810  -4.507  19.235  1.00 0.00 ? 39 GLN A H    1 
ATOM 628 H HA   . GLN A 1 39 ? -6.845  -6.052  20.714  1.00 0.00 ? 39 GLN A HA   1 
ATOM 629 H HB2  . GLN A 1 39 ? -6.773  -4.905  18.276  1.00 0.00 ? 39 GLN A HB2  1 
ATOM 630 H HB3  . GLN A 1 39 ? -5.994  -3.635  19.221  1.00 0.00 ? 39 GLN A HB3  1 
ATOM 631 H HG2  . GLN A 1 39 ? -5.063  -6.377  19.814  1.00 0.00 ? 39 GLN A HG2  1 
ATOM 632 H HG3  . GLN A 1 39 ? -4.674  -5.793  18.196  1.00 0.00 ? 39 GLN A HG3  1 
ATOM 633 H HE21 . GLN A 1 39 ? -2.972  -6.146  20.772  1.00 0.00 ? 39 GLN A HE21 1 
ATOM 634 H HE22 . GLN A 1 39 ? -2.187  -4.650  20.936  1.00 0.00 ? 39 GLN A HE22 1 
ATOM 635 N N    . ALA A 1 40 ? -7.649  -3.122  21.653  1.00 0.00 ? 40 ALA A N    1 
ATOM 636 C CA   . ALA A 1 40 ? -7.490  -2.111  22.733  1.00 0.00 ? 40 ALA A CA   1 
ATOM 637 C C    . ALA A 1 40 ? -7.945  -2.706  24.055  1.00 0.00 ? 40 ALA A C    1 
ATOM 638 O O    . ALA A 1 40 ? -7.518  -2.309  25.120  1.00 0.00 ? 40 ALA A O    1 
ATOM 639 C CB   . ALA A 1 40 ? -8.324  -0.870  22.405  1.00 0.00 ? 40 ALA A CB   1 
ATOM 640 H H    . ALA A 1 40 ? -8.388  -3.057  21.021  1.00 0.00 ? 40 ALA A H    1 
ATOM 641 H HA   . ALA A 1 40 ? -6.465  -1.845  22.811  1.00 0.00 ? 40 ALA A HA   1 
ATOM 642 H HB1  . ALA A 1 40 ? -9.160  -1.153  21.783  1.00 0.00 ? 40 ALA A HB1  1 
ATOM 643 H HB2  . ALA A 1 40 ? -8.690  -0.429  23.320  1.00 0.00 ? 40 ALA A HB2  1 
ATOM 644 H HB3  . ALA A 1 40 ? -7.711  -0.152  21.879  1.00 0.00 ? 40 ALA A HB3  1 
ATOM 645 N N    . LYS A 1 41 ? -8.807  -3.659  23.978  1.00 0.00 ? 41 LYS A N    1 
ATOM 646 C CA   . LYS A 1 41 ? -9.319  -4.319  25.212  1.00 0.00 ? 41 LYS A CA   1 
ATOM 647 C C    . LYS A 1 41 ? -8.245  -5.254  25.771  1.00 0.00 ? 41 LYS A C    1 
ATOM 648 O O    . LYS A 1 41 ? -7.082  -4.888  25.715  1.00 0.00 ? 41 LYS A O    1 
ATOM 649 C CB   . LYS A 1 41 ? -10.574 -5.128  24.876  1.00 0.00 ? 41 LYS A CB   1 
ATOM 650 C CG   . LYS A 1 41 ? -11.496 -5.168  26.096  1.00 0.00 ? 41 LYS A CG   1 
ATOM 651 C CD   . LYS A 1 41 ? -12.557 -4.071  25.972  1.00 0.00 ? 41 LYS A CD   1 
ATOM 652 C CE   . LYS A 1 41 ? -13.912 -4.707  25.657  1.00 0.00 ? 41 LYS A CE   1 
ATOM 653 N NZ   . LYS A 1 41 ? -14.361 -5.523  26.820  1.00 0.00 ? 41 LYS A NZ   1 
ATOM 654 O OXT  . LYS A 1 41 ? -8.602  -6.319  26.246  1.00 0.00 ? 41 LYS A OXT  1 
ATOM 655 H H    . LYS A 1 41 ? -9.113  -3.943  23.099  1.00 0.00 ? 41 LYS A H    1 
ATOM 656 H HA   . LYS A 1 41 ? -9.561  -3.567  25.948  1.00 0.00 ? 41 LYS A HA   1 
ATOM 657 H HB2  . LYS A 1 41 ? -11.090 -4.664  24.048  1.00 0.00 ? 41 LYS A HB2  1 
ATOM 658 H HB3  . LYS A 1 41 ? -10.293 -6.134  24.606  1.00 0.00 ? 41 LYS A HB3  1 
ATOM 659 H HG2  . LYS A 1 41 ? -11.979 -6.133  26.150  1.00 0.00 ? 41 LYS A HG2  1 
ATOM 660 H HG3  . LYS A 1 41 ? -10.916 -5.004  26.991  1.00 0.00 ? 41 LYS A HG3  1 
ATOM 661 H HD2  . LYS A 1 41 ? -12.621 -3.526  26.903  1.00 0.00 ? 41 LYS A HD2  1 
ATOM 662 H HD3  . LYS A 1 41 ? -12.285 -3.395  25.176  1.00 0.00 ? 41 LYS A HD3  1 
ATOM 663 H HE2  . LYS A 1 41 ? -14.636 -3.931  25.460  1.00 0.00 ? 41 LYS A HE2  1 
ATOM 664 H HE3  . LYS A 1 41 ? -13.819 -5.340  24.787  1.00 0.00 ? 41 LYS A HE3  1 
ATOM 665 H HZ1  . LYS A 1 41 ? -13.623 -5.514  27.554  1.00 0.00 ? 41 LYS A HZ1  1 
ATOM 666 H HZ2  . LYS A 1 41 ? -15.239 -5.123  27.207  1.00 0.00 ? 41 LYS A HZ2  1 
ATOM 667 H HZ3  . LYS A 1 41 ? -14.534 -6.500  26.512  1.00 0.00 ? 41 LYS A HZ3  1 
# 
